data_4Z5P
#
_entry.id   4Z5P
#
_cell.length_a   55.759
_cell.length_b   75.454
_cell.length_c   93.858
_cell.angle_alpha   90.000
_cell.angle_beta   98.910
_cell.angle_gamma   90.000
#
_symmetry.space_group_name_H-M   'P 1 21 1'
#
loop_
_entity.id
_entity.type
_entity.pdbx_description
1 polymer 'Cytochrome P450 hydroxylase'
2 non-polymer 'PROTOPORPHYRIN IX CONTAINING FE'
3 non-polymer 'TRIETHYLENE GLYCOL'
4 water water
#
_entity_poly.entity_id   1
_entity_poly.type   'polypeptide(L)'
_entity_poly.pdbx_seq_one_letter_code
;SMSATRRVHIYPFEGEVDGLEIHPKFAELRETDPLARVRLPYGGEGWMVTRYDDVRAANSDPRFSRAQIGEDTPRTTPLA
RRSDTILSLDPPEHTRLRRLLSKAFTARRMGAMQSWLEELFAGLLDGVERTGHPADIVRDLAQPFTIAVICRLLGVPYED
RGRFQHWSEVIMSTTAYSKEEAVSADASIRAYLADLVSARRAAPHDDLLGVLVSARDDDDRLTEDELITFGVTLLVAGHE
TSAHQLGNMVYALLTHEDQLSLLREQPELLPRAVEELLRFVPLGNGVGNARIALEDVELSGGTVRAGEGVVAAAVNANRD
PRAFDDPDRLDITREKNPHLAFGHGAHYCLGAQLARMELRVAIGGLLERFPGLRLAVPADQVEWKTGGLFRGPQRLPIAW
;
_entity_poly.pdbx_strand_id   A,B
#
loop_
_chem_comp.id
_chem_comp.type
_chem_comp.name
_chem_comp.formula
HEM non-polymer 'PROTOPORPHYRIN IX CONTAINING FE' 'C34 H32 Fe N4 O4'
PGE non-polymer 'TRIETHYLENE GLYCOL' 'C6 H14 O4'
#
# COMPACT_ATOMS: atom_id res chain seq x y z
N VAL A 8 -2.50 -21.98 3.22
CA VAL A 8 -1.44 -21.71 4.24
C VAL A 8 -0.40 -20.77 3.67
N HIS A 9 -0.16 -19.66 4.36
CA HIS A 9 0.80 -18.64 3.90
C HIS A 9 2.15 -18.93 4.51
N ILE A 10 3.19 -18.84 3.70
CA ILE A 10 4.56 -19.06 4.19
C ILE A 10 5.12 -17.73 4.62
N TYR A 11 5.68 -17.66 5.83
CA TYR A 11 6.49 -16.52 6.28
C TYR A 11 7.95 -17.00 6.39
N PRO A 12 8.96 -16.26 5.88
CA PRO A 12 8.84 -14.88 5.39
C PRO A 12 8.05 -14.75 4.09
N PHE A 13 7.35 -13.63 3.93
CA PHE A 13 6.62 -13.37 2.69
C PHE A 13 7.60 -13.03 1.58
N GLU A 14 7.17 -13.20 0.33
CA GLU A 14 7.96 -12.86 -0.85
C GLU A 14 8.16 -11.35 -0.96
N GLY A 15 9.39 -10.93 -1.25
CA GLY A 15 9.75 -9.52 -1.41
C GLY A 15 10.20 -9.00 -0.07
N GLU A 16 11.40 -8.42 -0.01
CA GLU A 16 11.92 -7.81 1.22
C GLU A 16 11.54 -6.32 1.25
N VAL A 17 11.35 -5.80 2.46
CA VAL A 17 11.03 -4.39 2.63
C VAL A 17 12.30 -3.57 2.92
N ASP A 18 12.34 -2.34 2.42
CA ASP A 18 13.41 -1.40 2.76
C ASP A 18 12.95 -0.43 3.87
N GLY A 19 13.90 0.01 4.68
CA GLY A 19 13.64 1.10 5.63
C GLY A 19 12.53 0.77 6.59
N LEU A 20 11.57 1.65 6.67
CA LEU A 20 10.45 1.51 7.59
C LEU A 20 9.20 0.99 6.89
N GLU A 21 9.32 0.44 5.66
CA GLU A 21 8.13 -0.01 4.94
C GLU A 21 7.54 -1.24 5.59
N ILE A 22 6.21 -1.31 5.58
CA ILE A 22 5.45 -2.44 6.04
C ILE A 22 5.16 -3.36 4.85
N HIS A 23 5.43 -4.66 4.99
CA HIS A 23 5.14 -5.59 3.91
C HIS A 23 3.63 -5.55 3.58
N PRO A 24 3.26 -5.37 2.30
CA PRO A 24 1.83 -5.27 1.94
C PRO A 24 0.93 -6.47 2.31
N LYS A 25 1.53 -7.65 2.45
CA LYS A 25 0.79 -8.88 2.75
C LYS A 25 -0.01 -8.79 4.05
N PHE A 26 0.51 -8.06 5.04
CA PHE A 26 -0.18 -7.96 6.31
C PHE A 26 -1.54 -7.25 6.11
N ALA A 27 -1.51 -6.14 5.38
CA ALA A 27 -2.74 -5.41 5.03
C ALA A 27 -3.73 -6.24 4.18
N GLU A 28 -3.19 -6.99 3.23
CA GLU A 28 -3.96 -7.96 2.42
C GLU A 28 -4.63 -9.00 3.30
N LEU A 29 -3.85 -9.59 4.22
CA LEU A 29 -4.38 -10.55 5.19
C LEU A 29 -5.40 -9.93 6.14
N ARG A 30 -5.13 -8.73 6.64
CA ARG A 30 -6.08 -8.07 7.55
C ARG A 30 -7.50 -7.97 6.96
N GLU A 31 -7.61 -7.66 5.67
CA GLU A 31 -8.93 -7.49 5.03
C GLU A 31 -9.60 -8.76 4.55
N THR A 32 -8.82 -9.73 4.06
CA THR A 32 -9.37 -10.95 3.43
C THR A 32 -9.16 -12.27 4.22
N ASP A 33 -8.16 -12.28 5.12
CA ASP A 33 -7.79 -13.47 5.89
C ASP A 33 -7.43 -13.11 7.35
N PRO A 34 -8.40 -12.61 8.14
CA PRO A 34 -8.14 -12.17 9.52
C PRO A 34 -7.69 -13.26 10.53
N LEU A 35 -8.11 -14.51 10.29
CA LEU A 35 -7.48 -15.64 10.99
C LEU A 35 -6.69 -16.45 9.96
N ALA A 36 -5.48 -15.97 9.65
CA ALA A 36 -4.70 -16.54 8.56
C ALA A 36 -3.86 -17.69 9.06
N ARG A 37 -3.95 -18.83 8.38
CA ARG A 37 -3.10 -19.97 8.71
C ARG A 37 -1.72 -19.71 8.12
N VAL A 38 -0.71 -19.83 8.95
CA VAL A 38 0.67 -19.53 8.52
C VAL A 38 1.65 -20.65 8.92
N ARG A 39 2.76 -20.68 8.19
CA ARG A 39 3.83 -21.64 8.42
C ARG A 39 5.09 -20.82 8.51
N LEU A 40 5.68 -20.80 9.69
CA LEU A 40 6.92 -20.06 9.96
C LEU A 40 8.08 -21.00 9.66
N PRO A 41 9.34 -20.50 9.76
CA PRO A 41 10.48 -21.38 9.46
C PRO A 41 10.58 -22.63 10.35
N TYR A 42 10.27 -22.49 11.64
CA TYR A 42 10.27 -23.63 12.57
C TYR A 42 8.90 -23.84 13.20
N GLY A 43 8.68 -25.06 13.70
CA GLY A 43 7.40 -25.44 14.33
C GLY A 43 6.37 -25.75 13.28
N GLY A 44 5.21 -26.23 13.72
CA GLY A 44 4.09 -26.51 12.82
C GLY A 44 3.34 -25.25 12.43
N GLU A 45 2.15 -25.44 11.87
CA GLU A 45 1.36 -24.30 11.43
C GLU A 45 0.79 -23.55 12.64
N GLY A 46 0.58 -22.25 12.47
CA GLY A 46 -0.10 -21.42 13.46
C GLY A 46 -1.07 -20.51 12.79
N TRP A 47 -1.69 -19.65 13.58
CA TRP A 47 -2.53 -18.58 13.09
C TRP A 47 -1.79 -17.23 13.23
N MET A 48 -2.06 -16.35 12.27
CA MET A 48 -1.56 -14.98 12.30
C MET A 48 -2.78 -14.06 12.31
N VAL A 49 -2.84 -13.15 13.28
CA VAL A 49 -3.91 -12.16 13.35
C VAL A 49 -3.32 -10.79 13.13
N THR A 50 -4.03 -9.96 12.39
CA THR A 50 -3.56 -8.65 11.97
C THR A 50 -4.49 -7.49 12.29
N ARG A 51 -5.73 -7.77 12.67
CA ARG A 51 -6.66 -6.74 13.08
C ARG A 51 -6.40 -6.37 14.52
N TYR A 52 -6.52 -5.07 14.80
CA TYR A 52 -6.33 -4.50 16.14
C TYR A 52 -7.01 -5.29 17.25
N ASP A 53 -8.30 -5.52 17.13
CA ASP A 53 -9.01 -6.28 18.19
C ASP A 53 -8.42 -7.68 18.43
N ASP A 54 -8.04 -8.36 17.36
CA ASP A 54 -7.51 -9.71 17.49
C ASP A 54 -6.10 -9.72 18.07
N VAL A 55 -5.25 -8.81 17.59
CA VAL A 55 -3.91 -8.63 18.11
C VAL A 55 -3.98 -8.29 19.57
N ARG A 56 -4.91 -7.40 19.92
CA ARG A 56 -5.05 -7.04 21.32
C ARG A 56 -5.41 -8.24 22.19
N ALA A 57 -6.39 -9.01 21.74
CA ALA A 57 -6.82 -10.21 22.43
C ALA A 57 -5.67 -11.19 22.56
N ALA A 58 -4.95 -11.44 21.47
CA ALA A 58 -3.84 -12.40 21.46
C ALA A 58 -2.79 -12.03 22.47
N ASN A 59 -2.48 -10.75 22.59
CA ASN A 59 -1.41 -10.31 23.48
C ASN A 59 -1.82 -9.99 24.89
N SER A 60 -3.12 -10.00 25.17
CA SER A 60 -3.60 -9.66 26.51
C SER A 60 -4.65 -10.56 27.15
N ASP A 61 -5.39 -11.35 26.38
CA ASP A 61 -6.46 -12.18 26.97
C ASP A 61 -5.78 -13.28 27.77
N PRO A 62 -6.20 -13.49 29.04
CA PRO A 62 -5.54 -14.52 29.86
C PRO A 62 -5.77 -15.98 29.40
N ARG A 63 -6.57 -16.18 28.35
CA ARG A 63 -6.72 -17.49 27.70
C ARG A 63 -5.57 -17.87 26.77
N PHE A 64 -4.62 -16.95 26.56
CA PHE A 64 -3.41 -17.24 25.80
C PHE A 64 -2.24 -17.27 26.78
N SER A 65 -1.33 -18.24 26.59
CA SER A 65 -0.12 -18.41 27.37
C SER A 65 1.13 -18.02 26.59
N ARG A 66 2.05 -17.39 27.30
CA ARG A 66 3.41 -17.16 26.83
C ARG A 66 4.43 -18.20 27.31
N ALA A 67 4.13 -18.86 28.44
CA ALA A 67 5.06 -19.79 29.09
C ALA A 67 5.08 -21.17 28.45
N GLN A 68 3.89 -21.69 28.09
CA GLN A 68 3.77 -23.09 27.64
C GLN A 68 3.95 -23.26 26.14
N ILE A 69 4.95 -22.56 25.58
CA ILE A 69 5.46 -22.80 24.23
C ILE A 69 6.02 -24.25 24.12
N GLY A 70 6.13 -24.78 22.90
CA GLY A 70 6.71 -26.10 22.65
C GLY A 70 7.37 -26.23 21.29
N GLU A 71 7.61 -27.48 20.88
CA GLU A 71 8.33 -27.81 19.63
C GLU A 71 7.51 -27.48 18.38
N ASP A 72 6.22 -27.84 18.39
CA ASP A 72 5.29 -27.50 17.29
C ASP A 72 4.78 -26.04 17.36
N THR A 73 5.42 -25.18 18.16
CA THR A 73 5.04 -23.75 18.23
C THR A 73 5.68 -22.99 17.08
N PRO A 74 4.86 -22.40 16.20
CA PRO A 74 5.41 -21.55 15.14
C PRO A 74 6.39 -20.52 15.69
N ARG A 75 7.51 -20.34 15.00
CA ARG A 75 8.53 -19.39 15.43
C ARG A 75 9.54 -19.22 14.30
N THR A 76 10.33 -18.15 14.38
CA THR A 76 11.34 -17.84 13.37
C THR A 76 12.73 -18.30 13.79
N THR A 77 12.88 -18.82 15.01
CA THR A 77 14.19 -19.18 15.56
C THR A 77 14.23 -20.65 16.00
N PRO A 78 15.38 -21.33 15.89
CA PRO A 78 15.50 -22.70 16.43
C PRO A 78 16.06 -22.69 17.85
N ASP A 84 12.83 -17.80 31.33
CA ASP A 84 13.20 -17.06 32.54
C ASP A 84 12.44 -15.73 32.71
N THR A 85 12.41 -14.97 31.61
CA THR A 85 11.97 -13.56 31.58
C THR A 85 10.52 -13.35 32.03
N ILE A 86 10.26 -12.22 32.69
CA ILE A 86 8.90 -11.79 32.93
C ILE A 86 8.02 -11.78 31.65
N LEU A 87 8.59 -11.43 30.51
CA LEU A 87 7.86 -11.41 29.22
C LEU A 87 7.25 -12.74 28.81
N SER A 88 7.86 -13.84 29.27
CA SER A 88 7.44 -15.20 28.98
C SER A 88 6.72 -15.91 30.13
N LEU A 89 6.40 -15.21 31.23
CA LEU A 89 5.63 -15.81 32.32
C LEU A 89 4.15 -15.51 32.18
N ASP A 90 3.33 -16.40 32.71
CA ASP A 90 1.88 -16.20 32.82
C ASP A 90 1.51 -16.08 34.27
N PRO A 91 0.27 -15.60 34.55
CA PRO A 91 -0.24 -15.68 35.89
C PRO A 91 -0.34 -17.13 36.37
N PRO A 92 -0.19 -17.38 37.67
CA PRO A 92 -0.01 -16.35 38.69
C PRO A 92 1.45 -15.94 38.96
N GLU A 93 2.43 -16.63 38.38
CA GLU A 93 3.87 -16.31 38.58
C GLU A 93 4.15 -14.88 38.14
N HIS A 94 3.62 -14.55 36.97
CA HIS A 94 3.78 -13.23 36.41
C HIS A 94 3.23 -12.15 37.31
N THR A 95 2.07 -12.42 37.89
CA THR A 95 1.38 -11.48 38.74
C THR A 95 2.19 -11.15 39.99
N ARG A 96 2.75 -12.17 40.62
CA ARG A 96 3.64 -11.96 41.78
C ARG A 96 4.88 -11.11 41.42
N LEU A 97 5.52 -11.45 40.31
CA LEU A 97 6.70 -10.73 39.82
CA LEU A 97 6.70 -10.73 39.87
C LEU A 97 6.37 -9.27 39.56
N ARG A 98 5.30 -9.05 38.82
CA ARG A 98 4.85 -7.70 38.51
C ARG A 98 4.49 -6.85 39.74
N ARG A 99 3.82 -7.44 40.73
CA ARG A 99 3.47 -6.72 41.97
CA ARG A 99 3.48 -6.72 41.97
C ARG A 99 4.75 -6.24 42.67
N LEU A 100 5.76 -7.10 42.74
CA LEU A 100 7.03 -6.70 43.37
C LEU A 100 7.71 -5.61 42.56
N LEU A 101 7.83 -5.78 41.24
CA LEU A 101 8.51 -4.81 40.39
C LEU A 101 7.89 -3.43 40.43
N SER A 102 6.54 -3.37 40.58
CA SER A 102 5.79 -2.12 40.68
C SER A 102 5.96 -1.37 41.99
N LYS A 103 6.68 -1.94 42.93
CA LYS A 103 7.12 -1.16 44.10
C LYS A 103 8.24 -0.19 43.76
N ALA A 104 9.02 -0.47 42.70
CA ALA A 104 10.06 0.43 42.21
C ALA A 104 9.64 1.25 41.03
N PHE A 105 9.01 0.60 40.04
CA PHE A 105 8.54 1.32 38.85
C PHE A 105 7.24 2.01 39.24
N THR A 106 7.34 3.19 39.82
CA THR A 106 6.19 4.01 40.21
C THR A 106 6.19 5.31 39.43
N ALA A 107 5.00 5.91 39.26
CA ALA A 107 4.90 7.19 38.57
C ALA A 107 5.73 8.26 39.21
N ARG A 108 5.79 8.23 40.54
CA ARG A 108 6.54 9.20 41.29
C ARG A 108 8.03 9.03 41.03
N ARG A 109 8.53 7.79 41.08
CA ARG A 109 9.97 7.57 40.83
C ARG A 109 10.40 7.84 39.39
N MET A 110 9.59 7.39 38.43
N MET A 110 9.59 7.39 38.43
CA MET A 110 9.91 7.64 37.01
CA MET A 110 9.92 7.64 37.02
C MET A 110 9.81 9.12 36.66
C MET A 110 9.81 9.12 36.66
N GLY A 111 8.74 9.79 37.08
CA GLY A 111 8.52 11.22 36.80
C GLY A 111 9.57 12.17 37.38
N ALA A 112 10.17 11.79 38.49
CA ALA A 112 11.23 12.57 39.11
C ALA A 112 12.52 12.54 38.31
N MET A 113 12.64 11.64 37.34
CA MET A 113 13.80 11.63 36.47
C MET A 113 13.85 12.69 35.38
N GLN A 114 12.79 13.48 35.18
CA GLN A 114 12.68 14.40 34.03
C GLN A 114 13.87 15.33 33.87
N SER A 115 14.25 16.02 34.94
CA SER A 115 15.36 16.97 34.87
C SER A 115 16.67 16.35 34.49
N TRP A 116 16.96 15.22 35.11
CA TRP A 116 18.15 14.49 34.85
C TRP A 116 18.18 14.02 33.37
N LEU A 117 17.05 13.55 32.83
CA LEU A 117 17.01 13.22 31.39
C LEU A 117 17.38 14.38 30.49
N GLU A 118 16.81 15.54 30.77
CA GLU A 118 17.07 16.76 30.02
C GLU A 118 18.54 17.18 30.03
N GLU A 119 19.18 17.10 31.21
CA GLU A 119 20.60 17.44 31.31
CA GLU A 119 20.59 17.43 31.36
C GLU A 119 21.48 16.37 30.67
N LEU A 120 21.11 15.11 30.78
CA LEU A 120 21.83 14.05 30.08
C LEU A 120 21.80 14.25 28.57
N PHE A 121 20.60 14.43 28.03
CA PHE A 121 20.50 14.66 26.60
C PHE A 121 21.18 15.94 26.15
N ALA A 122 21.12 16.99 26.96
CA ALA A 122 21.77 18.28 26.59
C ALA A 122 23.31 18.14 26.47
N GLY A 123 23.91 17.38 27.37
CA GLY A 123 25.34 17.07 27.30
C GLY A 123 25.72 16.30 26.05
N LEU A 124 24.90 15.31 25.67
CA LEU A 124 25.15 14.58 24.43
C LEU A 124 25.03 15.46 23.19
N LEU A 125 24.00 16.31 23.15
CA LEU A 125 23.84 17.30 22.08
C LEU A 125 25.01 18.29 22.01
N ASP A 126 25.47 18.78 23.15
CA ASP A 126 26.65 19.70 23.18
C ASP A 126 27.84 19.10 22.47
N GLY A 127 28.08 17.80 22.69
CA GLY A 127 29.23 17.11 22.10
C GLY A 127 29.09 16.95 20.62
N VAL A 128 27.88 16.58 20.19
CA VAL A 128 27.56 16.53 18.77
C VAL A 128 27.76 17.89 18.11
N GLU A 129 27.25 18.92 18.76
CA GLU A 129 27.34 20.27 18.22
C GLU A 129 28.78 20.76 18.14
N ARG A 130 29.58 20.43 19.16
CA ARG A 130 30.99 20.82 19.14
C ARG A 130 31.75 20.17 18.01
N THR A 131 31.46 18.89 17.77
CA THR A 131 32.16 18.09 16.75
C THR A 131 31.82 18.53 15.35
N GLY A 132 30.57 18.96 15.17
CA GLY A 132 30.10 19.46 13.88
C GLY A 132 29.46 18.37 13.07
N HIS A 133 28.63 18.76 12.12
CA HIS A 133 27.95 17.78 11.28
C HIS A 133 28.89 17.23 10.22
N PRO A 134 28.65 16.01 9.73
CA PRO A 134 27.52 15.18 10.11
C PRO A 134 27.76 14.39 11.39
N ALA A 135 26.69 14.14 12.12
CA ALA A 135 26.71 13.21 13.23
C ALA A 135 25.84 12.01 12.90
N ASP A 136 26.00 10.95 13.69
CA ASP A 136 25.21 9.75 13.58
C ASP A 136 24.23 9.76 14.76
N ILE A 137 22.93 9.88 14.49
CA ILE A 137 21.90 9.70 15.49
C ILE A 137 22.05 8.43 16.32
N VAL A 138 22.39 7.31 15.66
CA VAL A 138 22.38 6.00 16.34
C VAL A 138 23.52 5.94 17.39
N ARG A 139 24.74 6.17 16.93
CA ARG A 139 25.93 6.01 17.78
C ARG A 139 26.16 7.19 18.70
N ASP A 140 25.90 8.40 18.23
CA ASP A 140 26.26 9.62 18.95
C ASP A 140 25.17 10.11 19.91
N LEU A 141 23.90 9.75 19.69
CA LEU A 141 22.83 10.26 20.57
C LEU A 141 21.96 9.17 21.16
N ALA A 142 21.36 8.34 20.31
CA ALA A 142 20.35 7.38 20.77
C ALA A 142 20.94 6.33 21.70
N GLN A 143 21.96 5.61 21.23
CA GLN A 143 22.57 4.57 22.03
C GLN A 143 23.13 5.05 23.37
N PRO A 144 23.95 6.12 23.37
CA PRO A 144 24.49 6.59 24.65
C PRO A 144 23.43 7.14 25.62
N PHE A 145 22.38 7.79 25.10
CA PHE A 145 21.28 8.24 25.92
C PHE A 145 20.60 7.09 26.65
N THR A 146 20.16 6.08 25.91
CA THR A 146 19.33 5.05 26.49
C THR A 146 20.11 4.13 27.40
N ILE A 147 21.39 3.87 27.08
CA ILE A 147 22.20 3.05 27.98
C ILE A 147 22.45 3.76 29.31
N ALA A 148 22.65 5.07 29.26
CA ALA A 148 22.85 5.84 30.46
C ALA A 148 21.63 5.77 31.36
N VAL A 149 20.44 5.84 30.77
CA VAL A 149 19.23 5.76 31.57
C VAL A 149 19.16 4.43 32.30
N ILE A 150 19.41 3.32 31.57
CA ILE A 150 19.33 1.99 32.19
C ILE A 150 20.45 1.82 33.25
N CYS A 151 21.62 2.35 32.97
CA CYS A 151 22.71 2.33 33.95
C CYS A 151 22.33 3.08 35.23
N ARG A 152 21.66 4.24 35.11
CA ARG A 152 21.14 4.91 36.33
C ARG A 152 20.19 4.02 37.08
N LEU A 153 19.27 3.33 36.38
CA LEU A 153 18.28 2.46 37.07
C LEU A 153 18.99 1.30 37.84
N LEU A 154 20.04 0.76 37.25
CA LEU A 154 20.77 -0.38 37.83
C LEU A 154 21.87 -0.03 38.85
N GLY A 155 22.23 1.25 38.98
CA GLY A 155 23.29 1.64 39.85
C GLY A 155 24.65 1.46 39.21
N VAL A 156 24.70 1.40 37.88
CA VAL A 156 25.98 1.18 37.19
C VAL A 156 26.63 2.54 37.07
N PRO A 157 27.87 2.70 37.56
CA PRO A 157 28.53 3.99 37.41
C PRO A 157 28.84 4.40 35.98
N TYR A 158 29.01 5.70 35.81
CA TYR A 158 29.30 6.34 34.55
C TYR A 158 30.38 5.66 33.77
N GLU A 159 31.48 5.31 34.42
CA GLU A 159 32.59 4.71 33.71
C GLU A 159 32.31 3.35 33.07
N ASP A 160 31.25 2.66 33.49
CA ASP A 160 30.90 1.31 32.99
C ASP A 160 29.72 1.33 32.01
N ARG A 161 29.27 2.51 31.61
CA ARG A 161 28.19 2.62 30.62
C ARG A 161 28.61 1.92 29.30
N GLY A 162 29.81 2.20 28.83
CA GLY A 162 30.38 1.62 27.59
C GLY A 162 30.41 0.10 27.63
N ARG A 163 30.75 -0.45 28.79
CA ARG A 163 30.83 -1.89 29.02
C ARG A 163 29.46 -2.57 28.91
N PHE A 164 28.46 -1.95 29.55
CA PHE A 164 27.09 -2.42 29.49
C PHE A 164 26.51 -2.28 28.07
N GLN A 165 26.77 -1.16 27.42
CA GLN A 165 26.36 -0.92 26.05
C GLN A 165 26.87 -2.02 25.15
N HIS A 166 28.14 -2.37 25.30
CA HIS A 166 28.73 -3.45 24.53
C HIS A 166 28.15 -4.84 24.85
N TRP A 167 28.07 -5.17 26.13
CA TRP A 167 27.55 -6.48 26.52
C TRP A 167 26.08 -6.63 26.08
N SER A 168 25.32 -5.55 26.16
CA SER A 168 23.90 -5.56 25.73
C SER A 168 23.82 -5.86 24.24
N GLU A 169 24.67 -5.20 23.47
CA GLU A 169 24.73 -5.37 22.02
C GLU A 169 25.00 -6.83 21.66
N VAL A 170 25.91 -7.48 22.39
CA VAL A 170 26.32 -8.84 22.12
C VAL A 170 25.18 -9.81 22.34
N ILE A 171 24.53 -9.75 23.51
CA ILE A 171 23.40 -10.65 23.79
C ILE A 171 22.13 -10.37 22.94
N MET A 172 21.97 -9.14 22.46
N MET A 172 21.97 -9.14 22.46
CA MET A 172 20.83 -8.76 21.64
CA MET A 172 20.83 -8.75 21.65
C MET A 172 21.02 -9.10 20.17
C MET A 172 21.02 -9.11 20.17
N SER A 173 22.24 -8.95 19.66
CA SER A 173 22.50 -9.06 18.20
C SER A 173 22.86 -10.48 17.84
N THR A 174 21.80 -11.30 17.80
CA THR A 174 21.90 -12.75 17.60
C THR A 174 22.50 -13.20 16.23
N THR A 175 22.44 -12.35 15.23
CA THR A 175 23.06 -12.69 13.95
C THR A 175 24.49 -12.17 13.81
N ALA A 176 24.90 -11.23 14.65
CA ALA A 176 26.23 -10.61 14.57
C ALA A 176 27.27 -11.19 15.52
N TYR A 177 26.83 -11.94 16.54
CA TYR A 177 27.75 -12.51 17.53
C TYR A 177 27.40 -13.95 17.69
N SER A 178 28.38 -14.76 18.01
CA SER A 178 28.23 -16.18 18.14
C SER A 178 27.60 -16.52 19.48
N LYS A 179 27.14 -17.76 19.57
CA LYS A 179 26.58 -18.31 20.80
C LYS A 179 27.59 -18.22 21.92
N GLU A 180 28.84 -18.58 21.63
CA GLU A 180 29.89 -18.50 22.63
C GLU A 180 30.11 -17.06 23.12
N GLU A 181 30.12 -16.11 22.20
CA GLU A 181 30.22 -14.68 22.57
C GLU A 181 29.01 -14.21 23.44
N ALA A 182 27.81 -14.61 23.05
CA ALA A 182 26.62 -14.28 23.84
C ALA A 182 26.68 -14.90 25.23
N VAL A 183 27.07 -16.16 25.31
CA VAL A 183 27.24 -16.81 26.61
C VAL A 183 28.22 -16.02 27.52
N SER A 184 29.37 -15.63 26.95
CA SER A 184 30.37 -14.88 27.69
C SER A 184 29.87 -13.48 28.16
N ALA A 185 29.24 -12.74 27.26
CA ALA A 185 28.62 -11.46 27.63
C ALA A 185 27.54 -11.60 28.71
N ASP A 186 26.70 -12.62 28.60
CA ASP A 186 25.62 -12.83 29.56
C ASP A 186 26.24 -13.13 30.91
N ALA A 187 27.26 -13.99 30.93
CA ALA A 187 27.96 -14.31 32.15
C ALA A 187 28.57 -13.05 32.79
N SER A 188 29.11 -12.14 31.97
CA SER A 188 29.72 -10.91 32.49
C SER A 188 28.66 -9.99 33.10
N ILE A 189 27.58 -9.80 32.35
CA ILE A 189 26.44 -9.00 32.86
C ILE A 189 25.99 -9.54 34.22
N ARG A 190 25.76 -10.85 34.27
CA ARG A 190 25.20 -11.47 35.48
C ARG A 190 26.16 -11.39 36.65
N ALA A 191 27.47 -11.48 36.39
CA ALA A 191 28.46 -11.34 37.47
C ALA A 191 28.45 -9.93 38.02
N TYR A 192 28.39 -8.94 37.14
CA TYR A 192 28.31 -7.54 37.56
C TYR A 192 27.02 -7.28 38.37
N LEU A 193 25.88 -7.79 37.87
CA LEU A 193 24.60 -7.58 38.56
C LEU A 193 24.58 -8.28 39.92
N ALA A 194 25.22 -9.45 40.00
CA ALA A 194 25.32 -10.17 41.25
C ALA A 194 26.03 -9.30 42.32
N ASP A 195 27.12 -8.63 41.93
CA ASP A 195 27.84 -7.68 42.82
C ASP A 195 26.98 -6.47 43.21
N LEU A 196 26.30 -5.89 42.26
CA LEU A 196 25.35 -4.82 42.57
C LEU A 196 24.28 -5.30 43.57
N VAL A 197 23.74 -6.50 43.36
CA VAL A 197 22.64 -6.98 44.21
C VAL A 197 23.21 -7.23 45.61
N SER A 198 24.39 -7.85 45.67
CA SER A 198 25.02 -8.13 46.94
C SER A 198 25.26 -6.83 47.75
N ALA A 199 25.71 -5.76 47.10
CA ALA A 199 25.88 -4.47 47.79
C ALA A 199 24.53 -3.90 48.29
N ARG A 200 23.50 -4.09 47.47
CA ARG A 200 22.13 -3.64 47.81
C ARG A 200 21.43 -4.48 48.90
N ARG A 201 21.91 -5.70 49.13
CA ARG A 201 21.41 -6.48 50.24
C ARG A 201 22.12 -6.14 51.54
N ALA A 202 23.33 -5.58 51.48
CA ALA A 202 24.09 -5.21 52.68
C ALA A 202 23.58 -3.88 53.26
N ALA A 203 23.18 -2.94 52.39
CA ALA A 203 22.58 -1.67 52.83
C ALA A 203 21.66 -1.12 51.75
N PRO A 204 20.50 -0.56 52.14
CA PRO A 204 19.57 -0.07 51.14
C PRO A 204 20.17 1.03 50.24
N HIS A 205 20.02 0.88 48.93
CA HIS A 205 20.37 1.89 47.95
C HIS A 205 19.07 2.38 47.31
N ASP A 206 19.14 3.58 46.75
CA ASP A 206 17.94 4.32 46.33
C ASP A 206 17.72 4.28 44.82
N ASP A 207 18.67 3.72 44.09
CA ASP A 207 18.43 3.46 42.68
C ASP A 207 17.36 2.38 42.54
N LEU A 208 16.84 2.26 41.32
N LEU A 208 16.84 2.26 41.32
CA LEU A 208 15.73 1.39 41.08
CA LEU A 208 15.72 1.41 41.07
C LEU A 208 16.06 -0.02 41.45
C LEU A 208 16.05 -0.03 41.44
N LEU A 209 17.24 -0.49 41.10
CA LEU A 209 17.66 -1.83 41.48
C LEU A 209 17.72 -1.99 43.04
N GLY A 210 18.22 -0.98 43.76
CA GLY A 210 18.24 -1.03 45.22
C GLY A 210 16.79 -1.08 45.76
N VAL A 211 15.89 -0.35 45.12
CA VAL A 211 14.48 -0.36 45.53
C VAL A 211 13.86 -1.74 45.31
N LEU A 212 14.15 -2.36 44.17
CA LEU A 212 13.73 -3.75 43.91
C LEU A 212 14.25 -4.75 44.91
N VAL A 213 15.51 -4.62 45.32
CA VAL A 213 16.10 -5.47 46.34
C VAL A 213 15.35 -5.27 47.67
N SER A 214 14.98 -4.03 47.98
CA SER A 214 14.24 -3.72 49.20
C SER A 214 12.74 -4.02 49.13
N ALA A 215 12.18 -4.17 47.94
CA ALA A 215 10.74 -4.39 47.78
C ALA A 215 10.23 -5.66 48.48
N ARG A 216 9.07 -5.55 49.13
CA ARG A 216 8.44 -6.69 49.80
C ARG A 216 6.94 -6.67 49.57
N ASP A 217 6.34 -7.84 49.42
CA ASP A 217 4.89 -8.02 49.22
C ASP A 217 4.43 -8.98 50.32
N ASP A 218 4.02 -8.42 51.47
CA ASP A 218 3.98 -9.13 52.75
C ASP A 218 5.39 -9.66 53.07
N ASP A 219 5.56 -10.95 53.30
CA ASP A 219 6.92 -11.46 53.48
C ASP A 219 7.67 -11.74 52.16
N ASP A 220 7.01 -11.61 51.00
CA ASP A 220 7.58 -12.12 49.74
C ASP A 220 8.58 -11.12 49.22
N ARG A 221 9.61 -11.62 48.54
CA ARG A 221 10.64 -10.74 47.94
C ARG A 221 11.16 -11.40 46.67
N LEU A 222 11.84 -10.61 45.86
CA LEU A 222 12.53 -11.12 44.67
C LEU A 222 13.79 -11.87 45.12
N THR A 223 14.01 -13.04 44.53
CA THR A 223 15.23 -13.78 44.78
C THR A 223 16.37 -13.15 43.97
N GLU A 224 17.57 -13.51 44.34
CA GLU A 224 18.78 -13.06 43.63
C GLU A 224 18.68 -13.39 42.14
N ASP A 225 18.29 -14.61 41.83
CA ASP A 225 18.12 -15.02 40.42
CA ASP A 225 18.13 -15.05 40.43
C ASP A 225 17.12 -14.17 39.66
N GLU A 226 16.01 -13.81 40.33
CA GLU A 226 14.97 -13.02 39.68
C GLU A 226 15.48 -11.62 39.45
N LEU A 227 16.24 -11.10 40.42
CA LEU A 227 16.81 -9.74 40.32
C LEU A 227 17.79 -9.64 39.19
N ILE A 228 18.72 -10.59 39.15
CA ILE A 228 19.76 -10.64 38.11
C ILE A 228 19.13 -10.82 36.73
N THR A 229 18.16 -11.72 36.60
CA THR A 229 17.48 -11.98 35.32
C THR A 229 16.71 -10.73 34.89
N PHE A 230 16.11 -10.05 35.85
CA PHE A 230 15.43 -8.81 35.52
C PHE A 230 16.38 -7.70 35.04
N GLY A 231 17.58 -7.61 35.63
CA GLY A 231 18.61 -6.67 35.10
C GLY A 231 18.93 -6.91 33.61
N VAL A 232 19.05 -8.18 33.25
CA VAL A 232 19.28 -8.55 31.85
C VAL A 232 18.11 -8.12 31.00
N THR A 233 16.88 -8.43 31.44
CA THR A 233 15.66 -8.04 30.72
C THR A 233 15.63 -6.53 30.54
N LEU A 234 16.08 -5.80 31.55
CA LEU A 234 16.03 -4.35 31.47
C LEU A 234 16.97 -3.81 30.38
N LEU A 235 18.08 -4.46 30.12
CA LEU A 235 18.96 -4.04 29.02
C LEU A 235 18.33 -4.20 27.65
N VAL A 236 17.62 -5.28 27.45
CA VAL A 236 16.98 -5.57 26.15
C VAL A 236 15.67 -4.79 26.03
N ALA A 237 14.82 -4.87 27.06
CA ALA A 237 13.51 -4.18 27.03
C ALA A 237 13.67 -2.68 27.17
N GLY A 238 14.61 -2.22 28.02
CA GLY A 238 14.73 -0.80 28.24
C GLY A 238 15.75 -0.01 27.41
N HIS A 239 16.90 -0.61 27.14
CA HIS A 239 17.91 0.11 26.43
C HIS A 239 17.76 -0.14 24.94
N GLU A 240 17.84 -1.40 24.54
CA GLU A 240 17.92 -1.75 23.11
C GLU A 240 16.64 -1.34 22.36
N THR A 241 15.51 -1.65 22.98
CA THR A 241 14.20 -1.22 22.45
C THR A 241 14.14 0.28 22.31
N SER A 242 14.43 1.01 23.39
CA SER A 242 14.37 2.45 23.33
C SER A 242 15.32 3.05 22.31
N ALA A 243 16.58 2.57 22.27
CA ALA A 243 17.55 3.13 21.31
C ALA A 243 17.06 2.94 19.84
N HIS A 244 16.59 1.75 19.52
CA HIS A 244 16.14 1.47 18.14
C HIS A 244 14.89 2.24 17.77
N GLN A 245 13.97 2.36 18.71
CA GLN A 245 12.74 3.09 18.50
C GLN A 245 13.02 4.55 18.28
N LEU A 246 13.96 5.11 19.03
CA LEU A 246 14.29 6.53 18.87
C LEU A 246 14.91 6.81 17.49
N GLY A 247 15.89 6.00 17.10
CA GLY A 247 16.54 6.16 15.78
C GLY A 247 15.51 6.08 14.65
N ASN A 248 14.65 5.05 14.71
CA ASN A 248 13.60 4.86 13.71
C ASN A 248 12.62 6.04 13.69
N MET A 249 12.23 6.54 14.86
CA MET A 249 11.36 7.73 14.96
C MET A 249 12.00 8.97 14.35
N VAL A 250 13.29 9.15 14.56
CA VAL A 250 13.96 10.30 13.97
C VAL A 250 13.99 10.12 12.44
N TYR A 251 14.28 8.92 11.96
CA TYR A 251 14.32 8.69 10.50
C TYR A 251 12.95 9.06 9.91
N ALA A 252 11.89 8.55 10.53
CA ALA A 252 10.55 8.84 10.09
C ALA A 252 10.28 10.35 10.03
N LEU A 253 10.66 11.11 11.06
CA LEU A 253 10.47 12.58 11.04
C LEU A 253 11.23 13.26 9.96
N LEU A 254 12.49 12.87 9.82
CA LEU A 254 13.34 13.47 8.79
C LEU A 254 12.95 13.11 7.35
N THR A 255 12.17 12.05 7.15
CA THR A 255 11.66 11.72 5.82
C THR A 255 10.18 12.16 5.62
N HIS A 256 9.59 12.82 6.63
CA HIS A 256 8.22 13.36 6.54
C HIS A 256 8.35 14.83 6.90
N GLU A 257 8.81 15.58 5.91
CA GLU A 257 9.19 16.97 6.11
CA GLU A 257 9.22 16.97 6.11
C GLU A 257 8.06 17.90 6.49
N ASP A 258 6.88 17.65 5.92
CA ASP A 258 5.70 18.42 6.27
C ASP A 258 5.36 18.23 7.76
N GLN A 259 5.45 16.99 8.24
CA GLN A 259 5.19 16.72 9.65
C GLN A 259 6.26 17.32 10.58
N LEU A 260 7.53 17.24 10.18
CA LEU A 260 8.60 17.83 10.96
C LEU A 260 8.42 19.35 11.09
N SER A 261 8.11 20.01 9.97
CA SER A 261 7.81 21.45 9.93
C SER A 261 6.67 21.84 10.85
N LEU A 262 5.61 21.03 10.82
CA LEU A 262 4.47 21.25 11.67
C LEU A 262 4.86 21.20 13.12
N LEU A 263 5.67 20.21 13.50
CA LEU A 263 6.13 20.08 14.87
C LEU A 263 6.99 21.29 15.32
N ARG A 264 7.85 21.81 14.44
CA ARG A 264 8.62 23.02 14.76
C ARG A 264 7.73 24.23 14.95
N GLU A 265 6.81 24.41 14.03
CA GLU A 265 5.90 25.56 14.10
C GLU A 265 4.93 25.44 15.27
N GLN A 266 4.62 24.22 15.70
CA GLN A 266 3.63 23.97 16.77
C GLN A 266 4.19 22.99 17.77
N PRO A 267 5.17 23.44 18.58
CA PRO A 267 5.90 22.54 19.50
C PRO A 267 5.04 21.88 20.57
N GLU A 268 3.85 22.42 20.85
CA GLU A 268 2.92 21.79 21.78
C GLU A 268 2.41 20.47 21.28
N LEU A 269 2.58 20.22 19.98
CA LEU A 269 2.29 18.88 19.42
C LEU A 269 3.19 17.75 19.89
N LEU A 270 4.32 18.04 20.56
CA LEU A 270 5.34 16.99 20.83
C LEU A 270 4.77 15.72 21.49
N PRO A 271 3.95 15.87 22.55
CA PRO A 271 3.43 14.62 23.12
C PRO A 271 2.62 13.78 22.13
N ARG A 272 1.75 14.41 21.36
CA ARG A 272 0.95 13.66 20.35
C ARG A 272 1.83 13.10 19.27
N ALA A 273 2.90 13.84 18.92
CA ALA A 273 3.85 13.40 17.87
C ALA A 273 4.58 12.15 18.28
N VAL A 274 4.96 12.10 19.56
CA VAL A 274 5.59 10.94 20.10
C VAL A 274 4.64 9.75 20.08
N GLU A 275 3.40 9.93 20.53
CA GLU A 275 2.43 8.82 20.47
C GLU A 275 2.17 8.37 19.02
N GLU A 276 2.10 9.30 18.09
CA GLU A 276 1.87 8.97 16.69
C GLU A 276 3.05 8.21 16.08
N LEU A 277 4.25 8.66 16.39
CA LEU A 277 5.44 7.95 15.99
C LEU A 277 5.57 6.55 16.62
N LEU A 278 5.19 6.41 17.88
CA LEU A 278 5.03 5.04 18.49
C LEU A 278 4.05 4.15 17.71
N ARG A 279 2.92 4.72 17.31
CA ARG A 279 1.93 3.97 16.58
C ARG A 279 2.52 3.59 15.23
N PHE A 280 3.15 4.54 14.58
CA PHE A 280 3.47 4.39 13.14
C PHE A 280 4.74 3.58 12.84
N VAL A 281 5.77 3.72 13.66
CA VAL A 281 7.11 3.28 13.24
C VAL A 281 7.24 1.80 13.55
N PRO A 282 7.58 0.96 12.56
CA PRO A 282 7.83 -0.44 12.87
C PRO A 282 9.16 -0.59 13.66
N LEU A 283 9.21 -1.58 14.56
CA LEU A 283 10.37 -1.82 15.43
C LEU A 283 11.01 -3.19 15.15
N GLY A 284 10.18 -4.23 15.15
CA GLY A 284 10.60 -5.57 14.79
C GLY A 284 10.20 -5.92 13.38
N ASN A 285 10.04 -7.22 13.12
CA ASN A 285 9.86 -7.73 11.77
C ASN A 285 8.44 -8.26 11.46
N GLY A 286 7.46 -7.84 12.27
CA GLY A 286 6.04 -8.08 11.99
C GLY A 286 5.41 -9.41 12.41
N VAL A 287 6.16 -10.27 13.13
CA VAL A 287 5.61 -11.56 13.55
C VAL A 287 5.34 -11.57 15.05
N GLY A 288 6.38 -11.42 15.86
CA GLY A 288 6.26 -11.53 17.32
C GLY A 288 6.19 -12.99 17.77
N ASN A 289 6.20 -13.22 19.08
CA ASN A 289 6.25 -14.56 19.66
C ASN A 289 4.89 -15.19 19.65
N ALA A 290 4.83 -16.48 19.34
CA ALA A 290 3.55 -17.18 19.40
C ALA A 290 2.99 -17.12 20.81
N ARG A 291 1.68 -17.04 20.91
CA ARG A 291 0.95 -17.28 22.14
C ARG A 291 0.20 -18.56 21.91
N ILE A 292 0.07 -19.39 22.96
CA ILE A 292 -0.65 -20.64 22.84
C ILE A 292 -1.97 -20.50 23.59
N ALA A 293 -3.05 -20.93 22.95
CA ALA A 293 -4.36 -20.92 23.58
C ALA A 293 -4.49 -22.01 24.65
N LEU A 294 -4.80 -21.61 25.88
CA LEU A 294 -5.12 -22.54 26.97
C LEU A 294 -6.56 -23.04 26.89
N GLU A 295 -7.39 -22.37 26.09
CA GLU A 295 -8.83 -22.58 26.04
C GLU A 295 -9.30 -21.99 24.71
N ASP A 296 -10.49 -22.37 24.25
CA ASP A 296 -10.99 -21.88 22.96
C ASP A 296 -11.28 -20.39 23.04
N VAL A 297 -10.88 -19.65 22.01
CA VAL A 297 -11.04 -18.19 21.98
C VAL A 297 -11.57 -17.84 20.61
N GLU A 298 -12.73 -17.16 20.59
CA GLU A 298 -13.33 -16.67 19.36
C GLU A 298 -12.68 -15.34 18.98
N LEU A 299 -12.07 -15.30 17.79
CA LEU A 299 -11.53 -14.07 17.22
C LEU A 299 -12.34 -13.68 16.00
N SER A 300 -12.01 -12.55 15.37
CA SER A 300 -12.82 -11.99 14.28
C SER A 300 -12.96 -12.98 13.13
N GLY A 301 -11.86 -13.63 12.75
CA GLY A 301 -11.83 -14.60 11.65
C GLY A 301 -12.20 -16.05 11.97
N GLY A 302 -12.59 -16.35 13.21
CA GLY A 302 -12.93 -17.72 13.63
C GLY A 302 -12.44 -18.04 15.02
N THR A 303 -12.43 -19.33 15.35
CA THR A 303 -12.10 -19.78 16.71
C THR A 303 -10.72 -20.44 16.76
N VAL A 304 -9.90 -19.99 17.70
CA VAL A 304 -8.61 -20.61 18.02
C VAL A 304 -8.82 -21.63 19.12
N ARG A 305 -8.53 -22.91 18.84
CA ARG A 305 -8.75 -23.98 19.80
C ARG A 305 -7.61 -24.05 20.79
N ALA A 306 -7.89 -24.60 21.99
CA ALA A 306 -6.87 -24.85 22.99
C ALA A 306 -5.68 -25.63 22.40
N GLY A 307 -4.48 -25.13 22.57
CA GLY A 307 -3.26 -25.81 22.12
C GLY A 307 -2.64 -25.20 20.88
N GLU A 308 -3.42 -24.41 20.13
CA GLU A 308 -2.98 -23.82 18.87
C GLU A 308 -2.22 -22.51 19.12
N GLY A 309 -1.23 -22.26 18.26
CA GLY A 309 -0.40 -21.07 18.36
C GLY A 309 -0.93 -19.92 17.52
N VAL A 310 -0.74 -18.70 18.05
CA VAL A 310 -1.14 -17.44 17.41
C VAL A 310 0.01 -16.44 17.45
N VAL A 311 0.38 -15.91 16.28
CA VAL A 311 1.30 -14.77 16.22
C VAL A 311 0.56 -13.47 15.94
N ALA A 312 0.95 -12.40 16.64
CA ALA A 312 0.25 -11.13 16.60
C ALA A 312 1.20 -9.97 16.89
N ALA A 313 1.49 -9.15 15.88
CA ALA A 313 2.45 -8.05 16.03
C ALA A 313 1.68 -6.76 16.20
N ALA A 314 2.11 -5.95 17.15
CA ALA A 314 1.49 -4.65 17.43
C ALA A 314 1.54 -3.72 16.22
N VAL A 315 2.62 -3.80 15.46
CA VAL A 315 2.79 -2.95 14.30
C VAL A 315 1.62 -3.10 13.33
N ASN A 316 1.06 -4.30 13.20
CA ASN A 316 -0.05 -4.52 12.27
C ASN A 316 -1.37 -4.05 12.81
N ALA A 317 -1.59 -4.27 14.11
CA ALA A 317 -2.68 -3.68 14.78
C ALA A 317 -2.73 -2.17 14.65
N ASN A 318 -1.54 -1.54 14.74
CA ASN A 318 -1.45 -0.08 14.71
C ASN A 318 -1.69 0.55 13.33
N ARG A 319 -1.73 -0.26 12.28
CA ARG A 319 -2.13 0.19 10.96
C ARG A 319 -3.58 -0.25 10.58
N ASP A 320 -4.36 -0.77 11.52
CA ASP A 320 -5.71 -1.26 11.23
C ASP A 320 -6.66 -0.06 11.09
N PRO A 321 -7.24 0.15 9.88
CA PRO A 321 -8.15 1.29 9.73
C PRO A 321 -9.46 1.19 10.56
N ARG A 322 -9.77 0.01 11.12
CA ARG A 322 -10.82 -0.09 12.11
C ARG A 322 -10.53 0.65 13.41
N ALA A 323 -9.25 0.91 13.71
CA ALA A 323 -8.85 1.60 14.96
C ALA A 323 -8.28 3.01 14.77
N PHE A 324 -7.76 3.33 13.58
CA PHE A 324 -7.15 4.63 13.29
C PHE A 324 -7.59 5.11 11.92
N ASP A 325 -7.92 6.38 11.80
CA ASP A 325 -8.23 6.97 10.52
C ASP A 325 -6.96 7.12 9.66
N ASP A 326 -7.05 6.70 8.39
CA ASP A 326 -5.96 6.83 7.40
C ASP A 326 -4.64 6.38 8.03
N PRO A 327 -4.61 5.11 8.45
CA PRO A 327 -3.58 4.62 9.35
C PRO A 327 -2.18 4.57 8.75
N ASP A 328 -2.09 4.56 7.40
CA ASP A 328 -0.78 4.49 6.76
C ASP A 328 -0.19 5.86 6.48
N ARG A 329 -0.83 6.92 6.92
CA ARG A 329 -0.26 8.26 6.87
C ARG A 329 0.11 8.73 8.29
N LEU A 330 1.35 9.18 8.44
CA LEU A 330 1.81 9.83 9.66
C LEU A 330 1.02 11.13 9.84
N ASP A 331 0.34 11.25 10.98
CA ASP A 331 -0.35 12.50 11.35
C ASP A 331 -0.12 12.83 12.86
N ILE A 332 0.85 13.67 13.14
CA ILE A 332 1.28 13.95 14.57
C ILE A 332 0.24 14.74 15.38
N THR A 333 -0.81 15.22 14.71
CA THR A 333 -1.91 15.87 15.40
C THR A 333 -2.94 14.90 16.01
N ARG A 334 -2.87 13.59 15.71
CA ARG A 334 -3.91 12.63 16.12
C ARG A 334 -4.10 12.66 17.63
N GLU A 335 -5.35 12.85 18.07
CA GLU A 335 -5.70 13.03 19.51
C GLU A 335 -6.07 11.72 20.17
N LYS A 336 -6.87 10.93 19.48
CA LYS A 336 -7.29 9.62 19.94
C LYS A 336 -6.26 8.62 19.38
N ASN A 337 -5.42 8.08 20.27
CA ASN A 337 -4.33 7.22 19.83
C ASN A 337 -4.15 6.03 20.72
N PRO A 338 -5.05 5.03 20.58
CA PRO A 338 -4.96 3.85 21.44
C PRO A 338 -4.04 2.78 20.86
N HIS A 339 -2.82 3.14 20.50
CA HIS A 339 -1.87 2.23 19.86
C HIS A 339 -1.45 1.17 20.88
N LEU A 340 -0.91 0.08 20.35
CA LEU A 340 -0.44 -1.05 21.12
C LEU A 340 1.08 -1.19 21.25
N ALA A 341 1.82 -0.14 20.91
CA ALA A 341 3.28 -0.13 20.97
C ALA A 341 3.88 -0.44 22.34
N PHE A 342 3.16 -0.14 23.42
CA PHE A 342 3.54 -0.58 24.76
C PHE A 342 2.78 -1.78 25.25
N GLY A 343 1.96 -2.39 24.37
CA GLY A 343 1.08 -3.48 24.73
C GLY A 343 -0.20 -3.05 25.39
N HIS A 344 -0.81 -3.99 26.08
CA HIS A 344 -2.10 -3.82 26.72
C HIS A 344 -2.31 -4.92 27.75
N GLY A 345 -2.91 -4.62 28.88
CA GLY A 345 -3.18 -5.66 29.87
C GLY A 345 -2.00 -5.97 30.75
N ALA A 346 -1.87 -7.22 31.16
CA ALA A 346 -0.97 -7.61 32.25
C ALA A 346 0.52 -7.29 32.02
N HIS A 347 0.95 -7.42 30.76
CA HIS A 347 2.36 -7.26 30.40
C HIS A 347 2.68 -5.85 29.90
N TYR A 348 1.71 -4.94 29.98
CA TYR A 348 1.91 -3.56 29.56
C TYR A 348 3.26 -3.01 30.00
N CYS A 349 3.99 -2.42 29.06
CA CYS A 349 5.36 -1.95 29.30
C CYS A 349 5.54 -1.30 30.71
N LEU A 350 6.39 -1.90 31.50
CA LEU A 350 6.61 -1.45 32.88
C LEU A 350 7.34 -0.11 32.91
N GLY A 351 8.01 0.20 31.81
CA GLY A 351 8.65 1.47 31.63
C GLY A 351 8.03 2.53 30.79
N ALA A 352 6.73 2.43 30.53
CA ALA A 352 6.12 3.29 29.47
C ALA A 352 6.25 4.76 29.76
N GLN A 353 6.08 5.14 31.01
CA GLN A 353 6.19 6.54 31.39
C GLN A 353 7.58 7.08 31.11
N LEU A 354 8.58 6.31 31.50
CA LEU A 354 9.97 6.68 31.31
C LEU A 354 10.36 6.70 29.81
N ALA A 355 9.88 5.72 29.07
CA ALA A 355 10.06 5.69 27.58
C ALA A 355 9.49 6.92 26.90
N ARG A 356 8.26 7.27 27.27
CA ARG A 356 7.68 8.49 26.75
C ARG A 356 8.49 9.71 27.11
N MET A 357 8.97 9.79 28.34
CA MET A 357 9.82 10.93 28.75
C MET A 357 11.08 10.97 27.94
N GLU A 358 11.69 9.82 27.79
CA GLU A 358 12.91 9.72 26.95
C GLU A 358 12.71 10.20 25.52
N LEU A 359 11.62 9.78 24.91
CA LEU A 359 11.36 10.12 23.51
C LEU A 359 11.01 11.62 23.38
N ARG A 360 10.29 12.18 24.34
CA ARG A 360 10.02 13.64 24.29
C ARG A 360 11.26 14.49 24.51
N VAL A 361 12.07 14.09 25.49
CA VAL A 361 13.32 14.79 25.77
C VAL A 361 14.22 14.78 24.53
N ALA A 362 14.39 13.61 23.91
CA ALA A 362 15.31 13.46 22.80
C ALA A 362 14.81 14.20 21.59
N ILE A 363 13.56 13.94 21.20
CA ILE A 363 13.04 14.58 19.99
C ILE A 363 12.90 16.09 20.18
N GLY A 364 12.37 16.50 21.35
CA GLY A 364 12.24 17.93 21.67
C GLY A 364 13.57 18.60 21.73
N GLY A 365 14.53 17.96 22.37
CA GLY A 365 15.93 18.50 22.46
C GLY A 365 16.58 18.66 21.09
N LEU A 366 16.46 17.65 20.26
CA LEU A 366 17.01 17.67 18.89
C LEU A 366 16.42 18.83 18.08
N LEU A 367 15.09 18.96 18.06
CA LEU A 367 14.46 20.05 17.28
C LEU A 367 14.79 21.43 17.78
N GLU A 368 14.91 21.60 19.11
CA GLU A 368 15.22 22.93 19.64
C GLU A 368 16.66 23.32 19.36
N ARG A 369 17.59 22.38 19.46
CA ARG A 369 18.99 22.70 19.20
C ARG A 369 19.26 22.92 17.72
N PHE A 370 18.57 22.21 16.85
CA PHE A 370 18.89 22.20 15.40
C PHE A 370 17.67 22.52 14.52
N PRO A 371 17.35 23.82 14.37
CA PRO A 371 16.27 24.25 13.46
C PRO A 371 16.43 23.72 12.02
N GLY A 372 17.67 23.67 11.55
CA GLY A 372 17.98 23.17 10.21
C GLY A 372 18.16 21.66 10.14
N LEU A 373 17.78 20.91 11.16
CA LEU A 373 18.01 19.45 11.16
C LEU A 373 17.53 18.76 9.85
N ARG A 374 18.37 17.93 9.27
CA ARG A 374 17.99 17.15 8.07
C ARG A 374 18.85 15.90 7.97
N LEU A 375 18.42 14.92 7.15
CA LEU A 375 19.32 13.84 6.77
C LEU A 375 20.51 14.44 6.07
N ALA A 376 21.70 13.95 6.37
CA ALA A 376 22.90 14.46 5.75
C ALA A 376 23.11 13.85 4.36
N VAL A 377 22.41 12.77 4.03
CA VAL A 377 22.48 12.09 2.71
C VAL A 377 21.06 11.74 2.25
N PRO A 378 20.84 11.53 0.93
CA PRO A 378 19.52 11.10 0.52
C PRO A 378 19.15 9.81 1.23
N ALA A 379 17.86 9.58 1.40
CA ALA A 379 17.37 8.37 2.05
C ALA A 379 17.84 7.07 1.42
N ASP A 380 18.01 7.06 0.10
CA ASP A 380 18.44 5.84 -0.59
C ASP A 380 19.90 5.50 -0.27
N GLN A 381 20.58 6.37 0.47
CA GLN A 381 21.95 6.10 0.91
C GLN A 381 22.04 5.59 2.33
N VAL A 382 20.91 5.44 3.04
CA VAL A 382 20.91 4.91 4.40
C VAL A 382 20.91 3.40 4.29
N GLU A 383 21.89 2.75 4.94
CA GLU A 383 21.93 1.29 5.02
CA GLU A 383 21.93 1.29 5.01
C GLU A 383 21.15 0.83 6.24
N TRP A 384 20.28 -0.15 6.03
CA TRP A 384 19.42 -0.70 7.08
C TRP A 384 19.95 -2.05 7.53
N LYS A 385 19.78 -2.36 8.81
CA LYS A 385 20.15 -3.66 9.36
C LYS A 385 19.32 -4.74 8.70
N THR A 386 19.87 -5.95 8.61
CA THR A 386 19.14 -7.05 7.97
C THR A 386 18.81 -8.23 8.89
N GLY A 387 19.66 -8.55 9.85
CA GLY A 387 19.38 -9.63 10.81
C GLY A 387 18.95 -9.07 12.14
N GLY A 388 18.69 -9.97 13.08
CA GLY A 388 18.42 -9.59 14.46
C GLY A 388 16.97 -9.18 14.66
N LEU A 389 16.65 -8.91 15.91
CA LEU A 389 15.30 -8.64 16.33
C LEU A 389 14.74 -7.29 15.88
N PHE A 390 15.62 -6.32 15.58
CA PHE A 390 15.20 -4.95 15.34
C PHE A 390 15.47 -4.46 13.95
N ARG A 391 14.51 -3.70 13.45
CA ARG A 391 14.77 -2.82 12.35
C ARG A 391 15.50 -1.61 12.85
N GLY A 392 16.41 -1.11 12.02
CA GLY A 392 17.02 0.18 12.25
C GLY A 392 18.13 0.48 11.27
N PRO A 393 18.49 1.76 11.15
CA PRO A 393 19.58 2.15 10.27
C PRO A 393 20.89 1.69 10.86
N GLN A 394 21.82 1.29 10.02
CA GLN A 394 23.18 0.98 10.50
C GLN A 394 23.81 2.24 11.06
N ARG A 395 23.64 3.33 10.33
CA ARG A 395 24.09 4.64 10.71
C ARG A 395 23.02 5.58 10.17
N LEU A 396 22.73 6.65 10.88
CA LEU A 396 21.75 7.63 10.46
C LEU A 396 22.38 9.02 10.56
N PRO A 397 23.01 9.48 9.45
CA PRO A 397 23.70 10.76 9.52
C PRO A 397 22.73 11.94 9.39
N ILE A 398 22.97 12.95 10.21
CA ILE A 398 22.21 14.16 10.18
C ILE A 398 23.12 15.34 10.00
N ALA A 399 22.54 16.42 9.49
CA ALA A 399 23.21 17.71 9.41
C ALA A 399 22.22 18.75 9.89
N TRP A 400 22.67 19.99 10.02
CA TRP A 400 21.84 21.06 10.60
C TRP A 400 22.39 22.42 10.23
N VAL B 8 -31.91 15.34 -40.73
CA VAL B 8 -30.96 15.46 -39.57
C VAL B 8 -31.46 14.62 -38.42
N HIS B 9 -30.61 13.73 -37.92
CA HIS B 9 -30.97 12.80 -36.84
C HIS B 9 -30.56 13.42 -35.52
N ILE B 10 -31.46 13.36 -34.54
CA ILE B 10 -31.20 13.90 -33.21
C ILE B 10 -30.61 12.80 -32.35
N TYR B 11 -29.46 13.04 -31.73
CA TYR B 11 -28.90 12.14 -30.69
C TYR B 11 -29.04 12.88 -29.36
N PRO B 12 -29.51 12.24 -28.27
CA PRO B 12 -29.73 10.77 -28.16
C PRO B 12 -30.89 10.24 -28.99
N PHE B 13 -30.77 9.01 -29.47
CA PHE B 13 -31.85 8.38 -30.23
C PHE B 13 -32.99 7.99 -29.29
N GLU B 14 -34.20 7.84 -29.85
CA GLU B 14 -35.39 7.42 -29.11
C GLU B 14 -35.27 5.96 -28.66
N GLY B 15 -35.62 5.71 -27.39
CA GLY B 15 -35.57 4.37 -26.81
C GLY B 15 -34.21 4.19 -26.18
N GLU B 16 -34.19 3.81 -24.89
CA GLU B 16 -32.94 3.58 -24.17
C GLU B 16 -32.56 2.11 -24.25
N VAL B 17 -31.25 1.83 -24.24
CA VAL B 17 -30.76 0.46 -24.28
C VAL B 17 -30.49 -0.03 -22.85
N ASP B 18 -30.76 -1.30 -22.60
CA ASP B 18 -30.34 -1.95 -21.36
C ASP B 18 -29.01 -2.74 -21.57
N GLY B 19 -28.23 -2.83 -20.50
CA GLY B 19 -27.07 -3.71 -20.50
C GLY B 19 -26.08 -3.40 -21.59
N LEU B 20 -25.71 -4.43 -22.33
CA LEU B 20 -24.72 -4.28 -23.39
C LEU B 20 -25.38 -4.17 -24.77
N GLU B 21 -26.69 -3.88 -24.83
CA GLU B 21 -27.36 -3.78 -26.13
C GLU B 21 -26.88 -2.58 -26.89
N ILE B 22 -26.76 -2.74 -28.20
CA ILE B 22 -26.44 -1.68 -29.11
C ILE B 22 -27.75 -1.07 -29.65
N HIS B 23 -27.90 0.24 -29.61
CA HIS B 23 -29.09 0.88 -30.16
C HIS B 23 -29.25 0.53 -31.65
N PRO B 24 -30.44 0.03 -32.09
CA PRO B 24 -30.62 -0.38 -33.50
C PRO B 24 -30.40 0.71 -34.58
N LYS B 25 -30.58 1.97 -34.21
CA LYS B 25 -30.39 3.11 -35.12
C LYS B 25 -29.02 3.13 -35.79
N PHE B 26 -27.97 2.71 -35.08
CA PHE B 26 -26.63 2.77 -35.65
C PHE B 26 -26.54 1.82 -36.83
N ALA B 27 -27.05 0.60 -36.65
CA ALA B 27 -27.13 -0.36 -37.76
C ALA B 27 -28.01 0.11 -38.95
N GLU B 28 -29.12 0.76 -38.62
CA GLU B 28 -30.02 1.39 -39.61
C GLU B 28 -29.27 2.45 -40.41
N LEU B 29 -28.57 3.32 -39.69
CA LEU B 29 -27.74 4.35 -40.33
C LEU B 29 -26.61 3.77 -41.14
N ARG B 30 -25.94 2.76 -40.62
CA ARG B 30 -24.84 2.14 -41.37
C ARG B 30 -25.24 1.72 -42.78
N GLU B 31 -26.42 1.14 -42.93
CA GLU B 31 -26.86 0.61 -44.23
C GLU B 31 -27.48 1.64 -45.15
N THR B 32 -28.21 2.59 -44.59
CA THR B 32 -28.99 3.54 -45.41
C THR B 32 -28.46 4.98 -45.41
N ASP B 33 -27.68 5.35 -44.38
CA ASP B 33 -27.20 6.74 -44.17
C ASP B 33 -25.75 6.75 -43.62
N PRO B 34 -24.78 6.24 -44.42
CA PRO B 34 -23.38 6.12 -43.98
C PRO B 34 -22.65 7.44 -43.67
N LEU B 35 -23.04 8.53 -44.33
CA LEU B 35 -22.64 9.87 -43.90
C LEU B 35 -23.87 10.59 -43.34
N ALA B 36 -24.23 10.27 -42.10
CA ALA B 36 -25.47 10.74 -41.51
C ALA B 36 -25.27 12.08 -40.89
N ARG B 37 -26.14 13.03 -41.24
CA ARG B 37 -26.11 14.35 -40.60
C ARG B 37 -26.77 14.21 -39.23
N VAL B 38 -26.08 14.64 -38.18
CA VAL B 38 -26.58 14.52 -36.82
C VAL B 38 -26.49 15.83 -36.03
N ARG B 39 -27.29 15.89 -34.98
CA ARG B 39 -27.36 17.05 -34.11
C ARG B 39 -27.29 16.49 -32.72
N LEU B 40 -26.18 16.79 -32.04
CA LEU B 40 -25.95 16.34 -30.68
C LEU B 40 -26.55 17.38 -29.74
N PRO B 41 -26.54 17.13 -28.42
CA PRO B 41 -27.02 18.14 -27.49
C PRO B 41 -26.35 19.53 -27.59
N TYR B 42 -25.02 19.57 -27.76
CA TYR B 42 -24.29 20.84 -27.91
C TYR B 42 -23.54 20.91 -29.22
N GLY B 43 -23.19 22.14 -29.62
CA GLY B 43 -22.53 22.39 -30.90
C GLY B 43 -23.51 22.32 -32.05
N GLY B 44 -23.05 22.67 -33.24
CA GLY B 44 -23.87 22.62 -34.45
C GLY B 44 -23.97 21.21 -34.99
N GLU B 45 -24.47 21.09 -36.22
CA GLU B 45 -24.63 19.78 -36.85
C GLU B 45 -23.28 19.19 -37.21
N GLY B 46 -23.21 17.88 -37.19
CA GLY B 46 -22.03 17.17 -37.62
C GLY B 46 -22.43 16.00 -38.46
N TRP B 47 -21.43 15.21 -38.85
CA TRP B 47 -21.62 13.94 -39.48
C TRP B 47 -21.30 12.81 -38.48
N MET B 48 -22.06 11.71 -38.64
CA MET B 48 -21.87 10.48 -37.88
C MET B 48 -21.57 9.40 -38.90
N VAL B 49 -20.45 8.71 -38.70
CA VAL B 49 -20.09 7.60 -39.56
C VAL B 49 -20.13 6.34 -38.72
N THR B 50 -20.63 5.27 -39.33
CA THR B 50 -20.84 4.00 -38.65
C THR B 50 -20.23 2.79 -39.35
N ARG B 51 -19.80 2.93 -40.61
CA ARG B 51 -19.11 1.85 -41.30
C ARG B 51 -17.66 1.83 -40.86
N TYR B 52 -17.14 0.61 -40.72
CA TYR B 52 -15.75 0.36 -40.34
C TYR B 52 -14.75 1.23 -41.08
N ASP B 53 -14.76 1.21 -42.41
CA ASP B 53 -13.79 2.02 -43.15
C ASP B 53 -13.86 3.52 -42.82
N ASP B 54 -15.08 4.03 -42.67
CA ASP B 54 -15.25 5.44 -42.36
C ASP B 54 -14.84 5.82 -40.94
N VAL B 55 -15.22 5.01 -39.98
CA VAL B 55 -14.80 5.16 -38.59
C VAL B 55 -13.29 5.07 -38.49
N ARG B 56 -12.70 4.12 -39.19
CA ARG B 56 -11.24 4.01 -39.17
C ARG B 56 -10.57 5.28 -39.70
N ALA B 57 -11.07 5.77 -40.82
CA ALA B 57 -10.56 6.98 -41.44
C ALA B 57 -10.71 8.16 -40.47
N ALA B 58 -11.90 8.32 -39.91
CA ALA B 58 -12.19 9.43 -38.99
C ALA B 58 -11.24 9.44 -37.82
N ASN B 59 -10.91 8.28 -37.28
CA ASN B 59 -10.05 8.19 -36.09
C ASN B 59 -8.57 8.09 -36.36
N SER B 60 -8.16 7.94 -37.60
CA SER B 60 -6.74 7.77 -37.92
C SER B 60 -6.19 8.62 -39.09
N ASP B 61 -7.01 9.10 -40.01
CA ASP B 61 -6.51 9.82 -41.17
C ASP B 61 -6.00 11.18 -40.69
N PRO B 62 -4.79 11.59 -41.13
CA PRO B 62 -4.20 12.84 -40.59
C PRO B 62 -4.88 14.10 -41.12
N ARG B 63 -5.88 13.94 -41.99
CA ARG B 63 -6.73 15.06 -42.39
C ARG B 63 -7.83 15.44 -41.39
N PHE B 64 -7.98 14.66 -40.31
CA PHE B 64 -8.89 15.00 -39.22
C PHE B 64 -8.05 15.40 -38.03
N SER B 65 -8.49 16.44 -37.32
CA SER B 65 -7.83 16.93 -36.12
C SER B 65 -8.62 16.60 -34.88
N ARG B 66 -7.88 16.26 -33.81
CA ARG B 66 -8.41 16.15 -32.47
C ARG B 66 -8.20 17.41 -31.62
N ALA B 67 -7.17 18.20 -31.94
CA ALA B 67 -6.78 19.39 -31.15
C ALA B 67 -7.64 20.61 -31.39
N GLN B 68 -7.98 20.86 -32.67
CA GLN B 68 -8.60 22.11 -33.08
C GLN B 68 -10.14 22.03 -33.12
N ILE B 69 -10.71 21.40 -32.09
CA ILE B 69 -12.16 21.47 -31.77
C ILE B 69 -12.59 22.91 -31.50
N GLY B 70 -13.90 23.16 -31.54
CA GLY B 70 -14.44 24.49 -31.22
C GLY B 70 -15.88 24.47 -30.68
N GLU B 71 -16.53 25.63 -30.71
CA GLU B 71 -17.86 25.82 -30.15
C GLU B 71 -18.92 25.09 -30.95
N ASP B 72 -18.85 25.25 -32.28
CA ASP B 72 -19.78 24.55 -33.18
C ASP B 72 -19.42 23.07 -33.40
N THR B 73 -18.57 22.49 -32.55
CA THR B 73 -18.20 21.08 -32.63
C THR B 73 -19.25 20.22 -31.92
N PRO B 74 -19.91 19.29 -32.67
CA PRO B 74 -20.92 18.42 -32.06
C PRO B 74 -20.33 17.66 -30.88
N ARG B 75 -21.09 17.57 -29.80
CA ARG B 75 -20.63 16.94 -28.58
C ARG B 75 -21.82 16.75 -27.64
N THR B 76 -21.66 15.88 -26.66
CA THR B 76 -22.70 15.59 -25.68
C THR B 76 -22.52 16.35 -24.36
N THR B 77 -21.42 17.11 -24.23
CA THR B 77 -21.09 17.81 -22.98
C THR B 77 -20.90 19.31 -23.21
N PRO B 78 -21.26 20.16 -22.23
CA PRO B 78 -20.95 21.59 -22.34
C PRO B 78 -19.61 21.94 -21.67
N ASP B 84 -5.14 19.22 -23.13
CA ASP B 84 -3.84 18.83 -22.56
C ASP B 84 -3.36 17.45 -23.03
N THR B 85 -4.27 16.48 -23.00
CA THR B 85 -3.98 15.05 -23.14
C THR B 85 -3.34 14.69 -24.48
N ILE B 86 -2.47 13.68 -24.48
CA ILE B 86 -2.02 13.06 -25.70
C ILE B 86 -3.17 12.62 -26.66
N LEU B 87 -4.29 12.17 -26.11
CA LEU B 87 -5.48 11.78 -26.90
C LEU B 87 -6.04 12.88 -27.79
N SER B 88 -5.85 14.13 -27.36
CA SER B 88 -6.36 15.31 -28.06
C SER B 88 -5.28 16.09 -28.84
N LEU B 89 -4.05 15.59 -28.93
CA LEU B 89 -3.01 16.26 -29.72
C LEU B 89 -2.96 15.69 -31.13
N ASP B 90 -2.55 16.51 -32.07
CA ASP B 90 -2.26 16.08 -33.42
C ASP B 90 -0.74 16.18 -33.67
N PRO B 91 -0.27 15.57 -34.79
CA PRO B 91 1.12 15.79 -35.18
C PRO B 91 1.34 17.25 -35.50
N PRO B 92 2.54 17.78 -35.28
CA PRO B 92 3.71 17.02 -34.85
C PRO B 92 3.89 16.94 -33.32
N GLU B 93 3.08 17.66 -32.54
CA GLU B 93 3.19 17.67 -31.06
C GLU B 93 2.97 16.24 -30.54
N HIS B 94 1.94 15.58 -31.11
CA HIS B 94 1.61 14.22 -30.74
C HIS B 94 2.78 13.27 -30.98
N THR B 95 3.42 13.44 -32.12
CA THR B 95 4.51 12.58 -32.55
C THR B 95 5.67 12.65 -31.59
N ARG B 96 6.04 13.86 -31.20
CA ARG B 96 7.11 14.06 -30.20
C ARG B 96 6.79 13.37 -28.85
N LEU B 97 5.60 13.59 -28.36
CA LEU B 97 5.20 13.02 -27.07
CA LEU B 97 5.16 13.03 -27.09
C LEU B 97 5.18 11.51 -27.17
N ARG B 98 4.59 10.98 -28.24
CA ARG B 98 4.56 9.53 -28.42
C ARG B 98 5.97 8.88 -28.50
N ARG B 99 6.91 9.52 -29.19
CA ARG B 99 8.27 8.99 -29.31
C ARG B 99 8.90 8.90 -27.91
N LEU B 100 8.71 9.92 -27.09
CA LEU B 100 9.27 9.91 -25.74
C LEU B 100 8.61 8.86 -24.89
N LEU B 101 7.27 8.79 -24.91
CA LEU B 101 6.52 7.78 -24.13
C LEU B 101 6.88 6.35 -24.48
N SER B 102 7.17 6.07 -25.75
CA SER B 102 7.58 4.75 -26.23
C SER B 102 8.97 4.28 -25.79
N LYS B 103 9.71 5.14 -25.14
CA LYS B 103 10.96 4.72 -24.49
C LYS B 103 10.67 3.92 -23.24
N ALA B 104 9.51 4.15 -22.60
CA ALA B 104 9.07 3.34 -21.43
C ALA B 104 8.09 2.23 -21.78
N PHE B 105 7.08 2.54 -22.60
CA PHE B 105 6.11 1.54 -23.01
C PHE B 105 6.71 0.70 -24.12
N THR B 106 7.48 -0.30 -23.73
CA THR B 106 8.12 -1.20 -24.68
C THR B 106 7.56 -2.59 -24.48
N ALA B 107 7.63 -3.41 -25.53
CA ALA B 107 7.21 -4.80 -25.43
C ALA B 107 7.95 -5.57 -24.36
N ARG B 108 9.24 -5.26 -24.21
CA ARG B 108 10.07 -5.93 -23.23
C ARG B 108 9.60 -5.56 -21.84
N ARG B 109 9.38 -4.28 -21.59
CA ARG B 109 8.97 -3.85 -20.23
C ARG B 109 7.55 -4.34 -19.88
N MET B 110 6.62 -4.23 -20.82
N MET B 110 6.61 -4.25 -20.81
CA MET B 110 5.25 -4.68 -20.59
CA MET B 110 5.26 -4.67 -20.55
C MET B 110 5.16 -6.19 -20.42
C MET B 110 5.14 -6.20 -20.43
N GLY B 111 5.83 -6.93 -21.31
CA GLY B 111 5.81 -8.41 -21.28
C GLY B 111 6.39 -9.02 -20.02
N ALA B 112 7.37 -8.34 -19.43
CA ALA B 112 7.99 -8.83 -18.20
C ALA B 112 7.06 -8.73 -17.01
N MET B 113 5.94 -8.04 -17.14
CA MET B 113 4.96 -7.98 -16.08
C MET B 113 4.07 -9.20 -15.90
N GLN B 114 4.13 -10.18 -16.81
CA GLN B 114 3.18 -11.31 -16.82
C GLN B 114 3.03 -12.02 -15.50
N SER B 115 4.16 -12.45 -14.93
CA SER B 115 4.15 -13.20 -13.68
C SER B 115 3.55 -12.45 -12.52
N TRP B 116 3.93 -11.19 -12.40
CA TRP B 116 3.39 -10.33 -11.38
C TRP B 116 1.86 -10.13 -11.57
N LEU B 117 1.38 -9.96 -12.79
CA LEU B 117 -0.07 -9.90 -13.02
C LEU B 117 -0.80 -11.12 -12.51
N GLU B 118 -0.26 -12.29 -12.81
CA GLU B 118 -0.83 -13.58 -12.39
C GLU B 118 -0.92 -13.74 -10.87
N GLU B 119 0.14 -13.34 -10.19
CA GLU B 119 0.15 -13.41 -8.72
CA GLU B 119 0.16 -13.40 -8.73
C GLU B 119 -0.77 -12.34 -8.10
N LEU B 120 -0.80 -11.15 -8.68
CA LEU B 120 -1.70 -10.09 -8.22
C LEU B 120 -3.17 -10.55 -8.33
N PHE B 121 -3.55 -11.05 -9.50
CA PHE B 121 -4.90 -11.54 -9.65
C PHE B 121 -5.20 -12.74 -8.77
N ALA B 122 -4.25 -13.65 -8.60
CA ALA B 122 -4.48 -14.83 -7.75
C ALA B 122 -4.77 -14.45 -6.28
N GLY B 123 -4.05 -13.46 -5.78
CA GLY B 123 -4.31 -12.91 -4.44
C GLY B 123 -5.72 -12.30 -4.34
N LEU B 124 -6.17 -11.57 -5.34
CA LEU B 124 -7.54 -11.01 -5.32
C LEU B 124 -8.60 -12.09 -5.35
N LEU B 125 -8.40 -13.09 -6.19
CA LEU B 125 -9.28 -14.27 -6.20
C LEU B 125 -9.29 -15.01 -4.86
N ASP B 126 -8.13 -15.21 -4.24
CA ASP B 126 -8.08 -15.86 -2.92
C ASP B 126 -8.98 -15.16 -1.91
N GLY B 127 -8.96 -13.83 -1.90
CA GLY B 127 -9.76 -13.04 -0.96
C GLY B 127 -11.23 -13.17 -1.21
N VAL B 128 -11.60 -13.13 -2.49
CA VAL B 128 -12.97 -13.40 -2.91
C VAL B 128 -13.41 -14.79 -2.46
N GLU B 129 -12.57 -15.77 -2.70
CA GLU B 129 -12.88 -17.14 -2.35
C GLU B 129 -13.01 -17.30 -0.84
N ARG B 130 -12.14 -16.65 -0.06
CA ARG B 130 -12.21 -16.72 1.42
C ARG B 130 -13.49 -16.10 1.97
N THR B 131 -13.91 -14.99 1.39
CA THR B 131 -15.12 -14.27 1.78
C THR B 131 -16.39 -15.03 1.45
N GLY B 132 -16.36 -15.74 0.34
CA GLY B 132 -17.52 -16.56 -0.10
C GLY B 132 -18.45 -15.77 -1.00
N HIS B 133 -19.22 -16.48 -1.80
CA HIS B 133 -20.10 -15.82 -2.75
C HIS B 133 -21.32 -15.26 -1.97
N PRO B 134 -21.97 -14.23 -2.50
CA PRO B 134 -21.66 -13.64 -3.80
C PRO B 134 -20.57 -12.61 -3.66
N ALA B 135 -19.78 -12.47 -4.71
CA ALA B 135 -18.84 -11.39 -4.82
C ALA B 135 -19.28 -10.46 -5.95
N ASP B 136 -18.70 -9.27 -5.95
CA ASP B 136 -18.95 -8.28 -6.97
C ASP B 136 -17.71 -8.22 -7.86
N ILE B 137 -17.83 -8.64 -9.13
CA ILE B 137 -16.77 -8.50 -10.11
C ILE B 137 -16.19 -7.09 -10.18
N VAL B 138 -17.04 -6.07 -10.11
CA VAL B 138 -16.61 -4.69 -10.31
C VAL B 138 -15.70 -4.23 -9.13
N ARG B 139 -16.22 -4.30 -7.92
CA ARG B 139 -15.53 -3.77 -6.73
C ARG B 139 -14.45 -4.68 -6.20
N ASP B 140 -14.70 -6.00 -6.23
CA ASP B 140 -13.85 -6.97 -5.58
C ASP B 140 -12.71 -7.46 -6.48
N LEU B 141 -12.85 -7.41 -7.79
CA LEU B 141 -11.80 -7.95 -8.66
C LEU B 141 -11.29 -6.96 -9.68
N ALA B 142 -12.20 -6.43 -10.51
CA ALA B 142 -11.80 -5.63 -11.66
C ALA B 142 -11.11 -4.35 -11.21
N GLN B 143 -11.80 -3.55 -10.42
CA GLN B 143 -11.26 -2.27 -9.97
C GLN B 143 -9.94 -2.40 -9.22
N PRO B 144 -9.87 -3.27 -8.20
CA PRO B 144 -8.57 -3.41 -7.49
C PRO B 144 -7.42 -3.98 -8.33
N PHE B 145 -7.72 -4.88 -9.25
CA PHE B 145 -6.72 -5.35 -10.22
C PHE B 145 -6.12 -4.23 -11.04
N THR B 146 -6.97 -3.48 -11.72
CA THR B 146 -6.49 -2.53 -12.71
C THR B 146 -5.84 -1.32 -12.06
N ILE B 147 -6.34 -0.90 -10.89
CA ILE B 147 -5.68 0.19 -10.18
C ILE B 147 -4.26 -0.23 -9.71
N ALA B 148 -4.08 -1.48 -9.26
CA ALA B 148 -2.79 -1.95 -8.80
C ALA B 148 -1.81 -1.95 -9.93
N VAL B 149 -2.27 -2.30 -11.13
CA VAL B 149 -1.38 -2.28 -12.27
C VAL B 149 -0.87 -0.84 -12.52
N ILE B 150 -1.77 0.12 -12.55
CA ILE B 150 -1.39 1.50 -12.87
C ILE B 150 -0.51 2.07 -11.71
N CYS B 151 -0.83 1.70 -10.47
CA CYS B 151 0.01 2.10 -9.32
C CYS B 151 1.43 1.56 -9.44
N ARG B 152 1.59 0.30 -9.91
CA ARG B 152 2.96 -0.20 -10.22
C ARG B 152 3.67 0.65 -11.27
N LEU B 153 2.95 1.02 -12.33
CA LEU B 153 3.58 1.82 -13.40
C LEU B 153 4.06 3.19 -12.87
N LEU B 154 3.27 3.78 -11.99
CA LEU B 154 3.56 5.13 -11.48
C LEU B 154 4.52 5.20 -10.27
N GLY B 155 4.81 4.09 -9.63
CA GLY B 155 5.61 4.06 -8.44
C GLY B 155 4.78 4.34 -7.20
N VAL B 156 3.46 4.13 -7.26
CA VAL B 156 2.62 4.42 -6.12
C VAL B 156 2.66 3.21 -5.24
N PRO B 157 3.02 3.38 -3.96
CA PRO B 157 3.01 2.23 -3.05
C PRO B 157 1.65 1.63 -2.74
N TYR B 158 1.69 0.38 -2.32
CA TYR B 158 0.54 -0.43 -2.04
C TYR B 158 -0.48 0.30 -1.19
N GLU B 159 -0.02 0.96 -0.15
CA GLU B 159 -0.93 1.62 0.79
C GLU B 159 -1.76 2.75 0.20
N ASP B 160 -1.35 3.28 -0.96
CA ASP B 160 -2.04 4.39 -1.61
C ASP B 160 -2.87 3.96 -2.83
N ARG B 161 -3.01 2.66 -3.08
CA ARG B 161 -3.80 2.17 -4.20
C ARG B 161 -5.26 2.64 -4.04
N GLY B 162 -5.81 2.46 -2.84
CA GLY B 162 -7.18 2.88 -2.51
C GLY B 162 -7.42 4.36 -2.74
N ARG B 163 -6.43 5.16 -2.41
CA ARG B 163 -6.49 6.64 -2.59
C ARG B 163 -6.58 7.02 -4.08
N PHE B 164 -5.72 6.39 -4.89
CA PHE B 164 -5.71 6.59 -6.33
C PHE B 164 -7.01 6.08 -6.99
N GLN B 165 -7.48 4.91 -6.55
CA GLN B 165 -8.72 4.34 -7.02
C GLN B 165 -9.86 5.28 -6.80
N HIS B 166 -9.92 5.87 -5.61
CA HIS B 166 -10.93 6.83 -5.30
C HIS B 166 -10.80 8.12 -6.09
N TRP B 167 -9.62 8.71 -6.12
CA TRP B 167 -9.43 9.95 -6.87
C TRP B 167 -9.73 9.74 -8.37
N SER B 168 -9.35 8.61 -8.91
CA SER B 168 -9.64 8.31 -10.32
C SER B 168 -11.18 8.26 -10.54
N GLU B 169 -11.88 7.64 -9.61
CA GLU B 169 -13.34 7.51 -9.68
C GLU B 169 -14.03 8.85 -9.69
N VAL B 170 -13.51 9.76 -8.89
CA VAL B 170 -14.06 11.08 -8.78
C VAL B 170 -13.90 11.86 -10.08
N ILE B 171 -12.70 11.94 -10.61
CA ILE B 171 -12.48 12.68 -11.88
C ILE B 171 -13.15 12.05 -13.12
N MET B 172 -13.38 10.75 -13.08
N MET B 172 -13.42 10.74 -13.08
CA MET B 172 -13.97 10.02 -14.18
CA MET B 172 -14.01 10.02 -14.19
C MET B 172 -15.50 10.09 -14.16
C MET B 172 -15.53 10.14 -14.17
N SER B 173 -16.11 10.05 -12.96
CA SER B 173 -17.57 9.89 -12.84
C SER B 173 -18.24 11.25 -12.77
N THR B 174 -18.30 11.88 -13.95
CA THR B 174 -18.71 13.28 -14.13
C THR B 174 -20.16 13.57 -13.69
N THR B 175 -21.02 12.55 -13.68
CA THR B 175 -22.38 12.76 -13.25
C THR B 175 -22.59 12.43 -11.77
N ALA B 176 -21.66 11.71 -11.14
CA ALA B 176 -21.77 11.32 -9.73
C ALA B 176 -21.03 12.23 -8.72
N TYR B 177 -20.14 13.08 -9.21
CA TYR B 177 -19.36 13.95 -8.35
C TYR B 177 -19.40 15.31 -8.95
N SER B 178 -19.35 16.31 -8.11
CA SER B 178 -19.47 17.68 -8.54
C SER B 178 -18.17 18.18 -9.15
N LYS B 179 -18.26 19.30 -9.86
CA LYS B 179 -17.10 19.98 -10.44
C LYS B 179 -16.09 20.30 -9.37
N GLU B 180 -16.55 20.81 -8.23
CA GLU B 180 -15.64 21.11 -7.13
C GLU B 180 -14.92 19.86 -6.61
N GLU B 181 -15.65 18.75 -6.45
CA GLU B 181 -15.04 17.48 -6.05
C GLU B 181 -14.00 16.98 -7.08
N ALA B 182 -14.34 17.06 -8.38
CA ALA B 182 -13.43 16.69 -9.44
C ALA B 182 -12.19 17.58 -9.44
N VAL B 183 -12.38 18.88 -9.30
CA VAL B 183 -11.22 19.79 -9.18
C VAL B 183 -10.29 19.35 -8.03
N SER B 184 -10.87 19.07 -6.87
CA SER B 184 -10.12 18.68 -5.67
C SER B 184 -9.36 17.37 -5.87
N ALA B 185 -10.05 16.37 -6.43
CA ALA B 185 -9.39 15.11 -6.76
C ALA B 185 -8.24 15.25 -7.78
N ASP B 186 -8.46 16.05 -8.82
CA ASP B 186 -7.45 16.30 -9.85
C ASP B 186 -6.25 16.97 -9.22
N ALA B 187 -6.49 17.98 -8.38
CA ALA B 187 -5.41 18.64 -7.67
C ALA B 187 -4.62 17.64 -6.83
N SER B 188 -5.31 16.71 -6.18
CA SER B 188 -4.65 15.75 -5.27
C SER B 188 -3.77 14.80 -6.07
N ILE B 189 -4.32 14.29 -7.15
CA ILE B 189 -3.56 13.43 -8.05
C ILE B 189 -2.29 14.16 -8.51
N ARG B 190 -2.47 15.37 -9.00
CA ARG B 190 -1.32 16.14 -9.56
C ARG B 190 -0.27 16.44 -8.54
N ALA B 191 -0.69 16.71 -7.30
CA ALA B 191 0.27 16.98 -6.24
C ALA B 191 1.08 15.73 -5.92
N TYR B 192 0.41 14.58 -5.82
CA TYR B 192 1.08 13.31 -5.58
C TYR B 192 2.06 13.00 -6.72
N LEU B 193 1.62 13.18 -7.98
CA LEU B 193 2.49 12.90 -9.14
C LEU B 193 3.67 13.86 -9.18
N ALA B 194 3.44 15.12 -8.78
CA ALA B 194 4.54 16.09 -8.73
C ALA B 194 5.65 15.60 -7.78
N ASP B 195 5.27 15.05 -6.62
CA ASP B 195 6.24 14.47 -5.67
C ASP B 195 6.95 13.21 -6.22
N LEU B 196 6.20 12.35 -6.87
CA LEU B 196 6.82 11.22 -7.56
C LEU B 196 7.82 11.69 -8.64
N VAL B 197 7.44 12.68 -9.42
CA VAL B 197 8.32 13.13 -10.52
C VAL B 197 9.57 13.75 -9.92
N SER B 198 9.38 14.58 -8.90
CA SER B 198 10.49 15.22 -8.24
C SER B 198 11.50 14.18 -7.69
N ALA B 199 11.02 13.10 -7.08
CA ALA B 199 11.90 12.06 -6.61
C ALA B 199 12.64 11.38 -7.78
N ARG B 200 11.93 11.22 -8.88
CA ARG B 200 12.51 10.59 -10.11
C ARG B 200 13.46 11.48 -10.91
N ARG B 201 13.39 12.78 -10.68
CA ARG B 201 14.41 13.69 -11.21
C ARG B 201 15.65 13.76 -10.33
N ALA B 202 15.55 13.45 -9.03
CA ALA B 202 16.71 13.47 -8.15
C ALA B 202 17.58 12.24 -8.37
N ALA B 203 16.97 11.08 -8.62
CA ALA B 203 17.72 9.86 -8.87
C ALA B 203 16.90 8.94 -9.74
N PRO B 204 17.54 8.29 -10.73
CA PRO B 204 16.77 7.42 -11.61
C PRO B 204 16.03 6.28 -10.89
N HIS B 205 14.75 6.12 -11.16
CA HIS B 205 13.93 4.98 -10.70
C HIS B 205 13.55 4.13 -11.94
N ASP B 206 13.25 2.85 -11.69
CA ASP B 206 13.09 1.85 -12.76
C ASP B 206 11.64 1.55 -13.08
N ASP B 207 10.70 2.11 -12.31
CA ASP B 207 9.29 2.01 -12.68
C ASP B 207 9.04 2.81 -13.94
N LEU B 208 7.88 2.59 -14.55
N LEU B 208 7.91 2.57 -14.60
CA LEU B 208 7.59 3.19 -15.83
CA LEU B 208 7.71 3.19 -15.89
C LEU B 208 7.69 4.69 -15.74
C LEU B 208 7.71 4.72 -15.75
N LEU B 209 7.12 5.28 -14.69
CA LEU B 209 7.17 6.72 -14.55
C LEU B 209 8.66 7.18 -14.43
N GLY B 210 9.49 6.46 -13.68
CA GLY B 210 10.93 6.80 -13.58
C GLY B 210 11.62 6.69 -14.94
N VAL B 211 11.25 5.70 -15.73
CA VAL B 211 11.76 5.57 -17.07
C VAL B 211 11.37 6.76 -17.95
N LEU B 212 10.11 7.18 -17.87
CA LEU B 212 9.64 8.37 -18.59
C LEU B 212 10.35 9.64 -18.21
N VAL B 213 10.62 9.82 -16.93
CA VAL B 213 11.42 10.94 -16.45
C VAL B 213 12.83 10.91 -17.05
N SER B 214 13.42 9.71 -17.13
CA SER B 214 14.76 9.55 -17.68
C SER B 214 14.80 9.57 -19.21
N ALA B 215 13.66 9.38 -19.89
CA ALA B 215 13.63 9.28 -21.35
C ALA B 215 14.15 10.54 -22.04
N ARG B 216 14.92 10.35 -23.11
CA ARG B 216 15.43 11.48 -23.91
C ARG B 216 15.36 11.12 -25.38
N ASP B 217 15.07 12.11 -26.21
CA ASP B 217 15.01 11.98 -27.68
C ASP B 217 15.94 13.06 -28.24
N ASP B 218 17.20 12.68 -28.46
CA ASP B 218 18.33 13.64 -28.55
C ASP B 218 18.37 14.49 -27.27
N ASP B 219 18.33 15.81 -27.34
CA ASP B 219 18.27 16.60 -26.12
C ASP B 219 16.83 16.72 -25.54
N ASP B 220 15.81 16.26 -26.25
CA ASP B 220 14.42 16.54 -25.88
C ASP B 220 13.99 15.64 -24.71
N ARG B 221 13.14 16.16 -23.85
CA ARG B 221 12.61 15.40 -22.73
C ARG B 221 11.20 15.84 -22.43
N LEU B 222 10.51 15.05 -21.64
CA LEU B 222 9.17 15.41 -21.17
C LEU B 222 9.33 16.45 -20.04
N THR B 223 8.52 17.48 -20.09
CA THR B 223 8.49 18.45 -19.01
C THR B 223 7.72 17.87 -17.82
N GLU B 224 7.90 18.49 -16.67
CA GLU B 224 7.15 18.15 -15.48
C GLU B 224 5.63 18.16 -15.76
N ASP B 225 5.17 19.22 -16.40
CA ASP B 225 3.72 19.36 -16.75
C ASP B 225 3.21 18.21 -17.65
N GLU B 226 4.06 17.78 -18.58
CA GLU B 226 3.70 16.68 -19.49
C GLU B 226 3.66 15.37 -18.75
N LEU B 227 4.61 15.18 -17.84
CA LEU B 227 4.68 13.98 -17.04
C LEU B 227 3.47 13.82 -16.13
N ILE B 228 3.15 14.89 -15.43
CA ILE B 228 2.02 14.92 -14.51
C ILE B 228 0.70 14.71 -15.24
N THR B 229 0.52 15.41 -16.36
CA THR B 229 -0.69 15.26 -17.20
C THR B 229 -0.79 13.83 -17.73
N PHE B 230 0.36 13.25 -18.08
CA PHE B 230 0.32 11.86 -18.54
C PHE B 230 -0.07 10.88 -17.44
N GLY B 231 0.39 11.11 -16.21
CA GLY B 231 -0.08 10.29 -15.07
C GLY B 231 -1.62 10.28 -14.92
N VAL B 232 -2.22 11.45 -15.08
CA VAL B 232 -3.68 11.57 -15.01
C VAL B 232 -4.31 10.79 -16.15
N THR B 233 -3.79 10.97 -17.38
CA THR B 233 -4.26 10.21 -18.54
C THR B 233 -4.12 8.70 -18.32
N LEU B 234 -3.06 8.28 -17.66
CA LEU B 234 -2.88 6.86 -17.40
C LEU B 234 -3.95 6.29 -16.46
N LEU B 235 -4.47 7.08 -15.52
CA LEU B 235 -5.58 6.63 -14.66
C LEU B 235 -6.88 6.43 -15.41
N VAL B 236 -7.17 7.30 -16.35
CA VAL B 236 -8.42 7.21 -17.12
C VAL B 236 -8.27 6.20 -18.25
N ALA B 237 -7.16 6.28 -19.01
CA ALA B 237 -6.92 5.37 -20.14
C ALA B 237 -6.56 3.98 -19.68
N GLY B 238 -5.78 3.86 -18.60
CA GLY B 238 -5.28 2.59 -18.20
C GLY B 238 -6.06 1.88 -17.11
N HIS B 239 -6.56 2.62 -16.15
CA HIS B 239 -7.25 1.97 -15.06
C HIS B 239 -8.74 1.92 -15.39
N GLU B 240 -9.36 3.07 -15.59
CA GLU B 240 -10.84 3.14 -15.70
C GLU B 240 -11.38 2.44 -16.92
N THR B 241 -10.70 2.64 -18.03
CA THR B 241 -11.00 1.89 -19.26
C THR B 241 -10.87 0.39 -19.03
N SER B 242 -9.71 -0.07 -18.56
CA SER B 242 -9.52 -1.47 -18.33
C SER B 242 -10.49 -2.09 -17.34
N ALA B 243 -10.77 -1.40 -16.22
CA ALA B 243 -11.71 -1.93 -15.24
C ALA B 243 -13.11 -2.10 -15.84
N HIS B 244 -13.58 -1.11 -16.55
CA HIS B 244 -14.94 -1.18 -17.13
C HIS B 244 -15.05 -2.22 -18.22
N GLN B 245 -14.00 -2.31 -19.04
CA GLN B 245 -13.97 -3.28 -20.11
C GLN B 245 -13.97 -4.69 -19.56
N LEU B 246 -13.24 -4.92 -18.45
CA LEU B 246 -13.19 -6.25 -17.88
C LEU B 246 -14.53 -6.68 -17.29
N GLY B 247 -15.16 -5.78 -16.53
CA GLY B 247 -16.49 -6.06 -15.97
C GLY B 247 -17.51 -6.37 -17.06
N ASN B 248 -17.52 -5.53 -18.07
CA ASN B 248 -18.44 -5.75 -19.22
C ASN B 248 -18.18 -7.07 -19.94
N MET B 249 -16.90 -7.39 -20.18
CA MET B 249 -16.52 -8.67 -20.77
C MET B 249 -16.99 -9.85 -19.95
N VAL B 250 -16.88 -9.76 -18.63
CA VAL B 250 -17.33 -10.86 -17.81
C VAL B 250 -18.86 -10.98 -17.90
N TYR B 251 -19.56 -9.85 -17.88
CA TYR B 251 -21.02 -9.91 -18.02
C TYR B 251 -21.36 -10.65 -19.34
N ALA B 252 -20.72 -10.23 -20.43
CA ALA B 252 -20.97 -10.84 -21.73
C ALA B 252 -20.74 -12.35 -21.72
N LEU B 253 -19.63 -12.81 -21.13
CA LEU B 253 -19.38 -14.27 -21.03
C LEU B 253 -20.42 -15.01 -20.21
N LEU B 254 -20.77 -14.42 -19.07
CA LEU B 254 -21.78 -15.03 -18.19
C LEU B 254 -23.18 -15.05 -18.77
N THR B 255 -23.47 -14.22 -19.76
CA THR B 255 -24.77 -14.25 -20.42
C THR B 255 -24.74 -14.99 -21.79
N HIS B 256 -23.59 -15.52 -22.18
CA HIS B 256 -23.41 -16.29 -23.45
C HIS B 256 -22.82 -17.61 -23.05
N GLU B 257 -23.71 -18.46 -22.54
CA GLU B 257 -23.33 -19.72 -21.89
CA GLU B 257 -23.28 -19.67 -21.86
C GLU B 257 -22.64 -20.70 -22.79
N ASP B 258 -23.08 -20.76 -24.04
CA ASP B 258 -22.46 -21.66 -25.03
C ASP B 258 -21.01 -21.23 -25.29
N GLN B 259 -20.78 -19.92 -25.38
CA GLN B 259 -19.43 -19.42 -25.58
C GLN B 259 -18.54 -19.62 -24.36
N LEU B 260 -19.09 -19.43 -23.17
CA LEU B 260 -18.35 -19.66 -21.92
C LEU B 260 -17.91 -21.12 -21.83
N SER B 261 -18.86 -22.03 -22.11
CA SER B 261 -18.59 -23.49 -22.14
C SER B 261 -17.52 -23.89 -23.14
N LEU B 262 -17.59 -23.33 -24.33
CA LEU B 262 -16.56 -23.54 -25.35
C LEU B 262 -15.17 -23.11 -24.86
N LEU B 263 -15.09 -21.95 -24.22
CA LEU B 263 -13.82 -21.49 -23.66
C LEU B 263 -13.27 -22.42 -22.57
N ARG B 264 -14.13 -22.92 -21.67
CA ARG B 264 -13.68 -23.88 -20.64
C ARG B 264 -13.17 -25.15 -21.29
N GLU B 265 -13.90 -25.66 -22.27
CA GLU B 265 -13.53 -26.90 -22.92
C GLU B 265 -12.28 -26.74 -23.80
N GLN B 266 -12.04 -25.54 -24.31
CA GLN B 266 -10.95 -25.27 -25.25
C GLN B 266 -10.20 -24.04 -24.81
N PRO B 267 -9.43 -24.16 -23.70
CA PRO B 267 -8.82 -22.97 -23.06
C PRO B 267 -7.80 -22.26 -23.94
N GLU B 268 -7.27 -22.93 -24.96
CA GLU B 268 -6.35 -22.28 -25.90
C GLU B 268 -7.07 -21.20 -26.70
N LEU B 269 -8.40 -21.19 -26.71
CA LEU B 269 -9.13 -20.07 -27.30
C LEU B 269 -9.00 -18.72 -26.59
N LEU B 270 -8.41 -18.67 -25.40
CA LEU B 270 -8.47 -17.46 -24.57
C LEU B 270 -7.97 -16.19 -25.26
N PRO B 271 -6.81 -16.26 -25.93
CA PRO B 271 -6.43 -15.06 -26.68
C PRO B 271 -7.44 -14.57 -27.75
N ARG B 272 -7.97 -15.46 -28.54
CA ARG B 272 -9.03 -15.10 -29.51
C ARG B 272 -10.31 -14.65 -28.85
N ALA B 273 -10.65 -15.25 -27.71
CA ALA B 273 -11.85 -14.85 -26.93
C ALA B 273 -11.75 -13.44 -26.43
N VAL B 274 -10.56 -13.08 -25.95
CA VAL B 274 -10.32 -11.74 -25.49
C VAL B 274 -10.44 -10.78 -26.62
N GLU B 275 -9.83 -11.06 -27.76
CA GLU B 275 -9.98 -10.18 -28.94
C GLU B 275 -11.46 -10.08 -29.39
N GLU B 276 -12.18 -11.18 -29.39
CA GLU B 276 -13.58 -11.14 -29.78
C GLU B 276 -14.43 -10.31 -28.78
N LEU B 277 -14.17 -10.48 -27.50
CA LEU B 277 -14.86 -9.68 -26.49
C LEU B 277 -14.51 -8.21 -26.59
N LEU B 278 -13.24 -7.89 -26.90
CA LEU B 278 -12.88 -6.50 -27.26
C LEU B 278 -13.71 -5.95 -28.43
N ARG B 279 -13.88 -6.78 -29.47
CA ARG B 279 -14.61 -6.35 -30.61
C ARG B 279 -16.08 -6.15 -30.23
N PHE B 280 -16.61 -7.08 -29.48
CA PHE B 280 -18.05 -7.17 -29.27
C PHE B 280 -18.64 -6.21 -28.21
N VAL B 281 -17.93 -6.00 -27.13
CA VAL B 281 -18.55 -5.44 -25.94
C VAL B 281 -18.53 -3.92 -26.07
N PRO B 282 -19.68 -3.26 -26.00
CA PRO B 282 -19.66 -1.79 -25.96
C PRO B 282 -19.05 -1.26 -24.64
N LEU B 283 -18.35 -0.13 -24.71
CA LEU B 283 -17.64 0.47 -23.56
C LEU B 283 -18.23 1.83 -23.23
N GLY B 284 -18.33 2.69 -24.24
CA GLY B 284 -18.98 4.00 -24.11
C GLY B 284 -20.39 3.98 -24.64
N ASN B 285 -20.87 5.16 -25.03
CA ASN B 285 -22.28 5.36 -25.39
C ASN B 285 -22.54 5.52 -26.91
N GLY B 286 -21.58 5.11 -27.73
CA GLY B 286 -21.75 5.05 -29.19
C GLY B 286 -21.51 6.30 -30.02
N VAL B 287 -21.06 7.39 -29.39
CA VAL B 287 -20.80 8.62 -30.14
C VAL B 287 -19.29 8.85 -30.29
N GLY B 288 -18.57 9.01 -29.19
CA GLY B 288 -17.14 9.39 -29.22
C GLY B 288 -16.92 10.85 -29.53
N ASN B 289 -15.67 11.30 -29.49
CA ASN B 289 -15.31 12.72 -29.62
C ASN B 289 -15.30 13.13 -31.07
N ALA B 290 -15.81 14.31 -31.37
CA ALA B 290 -15.78 14.78 -32.74
C ALA B 290 -14.32 14.91 -33.19
N ARG B 291 -14.09 14.69 -34.48
CA ARG B 291 -12.88 15.06 -35.14
C ARG B 291 -13.28 16.15 -36.11
N ILE B 292 -12.39 17.11 -36.36
CA ILE B 292 -12.69 18.15 -37.34
C ILE B 292 -11.79 17.98 -38.55
N ALA B 293 -12.38 18.11 -39.74
CA ALA B 293 -11.62 17.98 -40.98
C ALA B 293 -10.76 19.22 -41.21
N LEU B 294 -9.46 19.01 -41.37
CA LEU B 294 -8.53 20.06 -41.81
C LEU B 294 -8.55 20.27 -43.34
N GLU B 295 -9.13 19.30 -44.08
CA GLU B 295 -9.04 19.23 -45.54
C GLU B 295 -10.17 18.30 -46.00
N ASP B 296 -10.56 18.35 -47.30
CA ASP B 296 -11.72 17.52 -47.80
C ASP B 296 -11.30 16.07 -47.72
N VAL B 297 -12.22 15.22 -47.27
CA VAL B 297 -11.96 13.81 -47.14
C VAL B 297 -13.19 13.13 -47.71
N GLU B 298 -12.96 12.27 -48.71
CA GLU B 298 -14.02 11.44 -49.29
C GLU B 298 -14.23 10.21 -48.41
N LEU B 299 -15.42 10.08 -47.86
CA LEU B 299 -15.83 8.86 -47.14
C LEU B 299 -16.90 8.09 -47.96
N SER B 300 -17.33 6.93 -47.48
CA SER B 300 -18.24 6.04 -48.23
C SER B 300 -19.56 6.73 -48.63
N GLY B 301 -20.15 7.49 -47.72
CA GLY B 301 -21.40 8.23 -47.96
C GLY B 301 -21.29 9.63 -48.57
N GLY B 302 -20.08 10.07 -48.94
CA GLY B 302 -19.87 11.41 -49.49
C GLY B 302 -18.59 12.08 -48.96
N THR B 303 -18.49 13.40 -49.18
CA THR B 303 -17.27 14.15 -48.86
C THR B 303 -17.50 15.04 -47.65
N VAL B 304 -16.58 14.94 -46.68
CA VAL B 304 -16.54 15.81 -45.53
C VAL B 304 -15.60 16.97 -45.90
N ARG B 305 -16.13 18.18 -45.87
CA ARG B 305 -15.34 19.38 -46.21
C ARG B 305 -14.50 19.83 -45.01
N ALA B 306 -13.42 20.54 -45.31
CA ALA B 306 -12.62 21.18 -44.26
C ALA B 306 -13.47 22.05 -43.32
N GLY B 307 -13.37 21.81 -42.03
CA GLY B 307 -14.09 22.60 -41.01
C GLY B 307 -15.27 21.89 -40.37
N GLU B 308 -15.75 20.82 -41.01
CA GLU B 308 -16.91 20.07 -40.54
C GLU B 308 -16.49 18.99 -39.51
N GLY B 309 -17.37 18.75 -38.53
CA GLY B 309 -17.12 17.76 -37.49
C GLY B 309 -17.69 16.38 -37.83
N VAL B 310 -16.99 15.35 -37.35
CA VAL B 310 -17.33 13.95 -37.55
C VAL B 310 -17.23 13.18 -36.23
N VAL B 311 -18.32 12.52 -35.84
CA VAL B 311 -18.28 11.56 -34.74
C VAL B 311 -18.27 10.10 -35.23
N ALA B 312 -17.44 9.28 -34.61
CA ALA B 312 -17.17 7.94 -35.06
C ALA B 312 -16.77 7.05 -33.91
N ALA B 313 -17.63 6.09 -33.57
CA ALA B 313 -17.38 5.23 -32.41
C ALA B 313 -16.90 3.89 -32.90
N ALA B 314 -15.85 3.37 -32.26
CA ALA B 314 -15.27 2.08 -32.61
C ALA B 314 -16.30 0.95 -32.47
N VAL B 315 -17.17 1.06 -31.48
CA VAL B 315 -18.18 0.02 -31.23
C VAL B 315 -19.04 -0.22 -32.49
N ASN B 316 -19.33 0.82 -33.25
CA ASN B 316 -20.15 0.65 -34.43
C ASN B 316 -19.39 0.09 -35.62
N ALA B 317 -18.16 0.55 -35.81
CA ALA B 317 -17.27 -0.06 -36.76
C ALA B 317 -17.13 -1.57 -36.49
N ASN B 318 -17.02 -1.97 -35.20
CA ASN B 318 -16.80 -3.37 -34.85
C ASN B 318 -18.01 -4.29 -35.05
N ARG B 319 -19.19 -3.73 -35.35
CA ARG B 319 -20.35 -4.49 -35.73
C ARG B 319 -20.68 -4.38 -37.24
N ASP B 320 -19.78 -3.79 -38.03
CA ASP B 320 -20.01 -3.62 -39.47
C ASP B 320 -19.83 -4.97 -40.21
N PRO B 321 -20.91 -5.50 -40.82
CA PRO B 321 -20.77 -6.80 -41.51
C PRO B 321 -19.83 -6.77 -42.74
N ARG B 322 -19.44 -5.57 -43.19
CA ARG B 322 -18.39 -5.44 -44.20
C ARG B 322 -17.01 -5.86 -43.69
N ALA B 323 -16.81 -5.84 -42.37
CA ALA B 323 -15.51 -6.20 -41.76
C ALA B 323 -15.51 -7.50 -40.95
N PHE B 324 -16.67 -7.96 -40.47
CA PHE B 324 -16.74 -9.16 -39.65
C PHE B 324 -17.96 -9.97 -40.09
N ASP B 325 -17.81 -11.27 -40.19
CA ASP B 325 -18.92 -12.16 -40.46
C ASP B 325 -19.86 -12.23 -39.26
N ASP B 326 -21.17 -12.11 -39.51
CA ASP B 326 -22.21 -12.25 -38.49
C ASP B 326 -21.82 -11.47 -37.24
N PRO B 327 -21.62 -10.16 -37.42
CA PRO B 327 -20.97 -9.31 -36.42
C PRO B 327 -21.71 -9.17 -35.12
N ASP B 328 -23.04 -9.42 -35.11
CA ASP B 328 -23.80 -9.25 -33.90
C ASP B 328 -23.87 -10.51 -33.08
N ARG B 329 -23.19 -11.58 -33.49
CA ARG B 329 -23.08 -12.77 -32.69
C ARG B 329 -21.66 -12.88 -32.12
N LEU B 330 -21.58 -13.08 -30.80
CA LEU B 330 -20.31 -13.40 -30.16
C LEU B 330 -19.78 -14.74 -30.67
N ASP B 331 -18.58 -14.75 -31.24
CA ASP B 331 -17.90 -15.98 -31.67
C ASP B 331 -16.41 -15.94 -31.28
N ILE B 332 -16.08 -16.52 -30.14
CA ILE B 332 -14.71 -16.47 -29.59
C ILE B 332 -13.64 -17.20 -30.42
N THR B 333 -14.07 -17.97 -31.40
CA THR B 333 -13.14 -18.65 -32.28
C THR B 333 -12.62 -17.77 -33.43
N ARG B 334 -13.18 -16.58 -33.64
CA ARG B 334 -12.85 -15.73 -34.80
C ARG B 334 -11.34 -15.49 -34.87
N GLU B 335 -10.74 -15.81 -36.03
CA GLU B 335 -9.27 -15.76 -36.24
C GLU B 335 -8.83 -14.44 -36.80
N LYS B 336 -9.56 -13.97 -37.80
CA LYS B 336 -9.33 -12.68 -38.43
C LYS B 336 -10.16 -11.67 -37.64
N ASN B 337 -9.49 -10.82 -36.86
CA ASN B 337 -10.20 -9.89 -35.98
C ASN B 337 -9.56 -8.53 -35.96
N PRO B 338 -9.78 -7.74 -37.04
CA PRO B 338 -9.15 -6.44 -37.13
C PRO B 338 -10.02 -5.36 -36.46
N HIS B 339 -10.42 -5.60 -35.21
CA HIS B 339 -11.31 -4.66 -34.47
C HIS B 339 -10.54 -3.38 -34.19
N LEU B 340 -11.31 -2.33 -33.87
CA LEU B 340 -10.79 -1.01 -33.58
C LEU B 340 -10.87 -0.60 -32.11
N ALA B 341 -11.07 -1.55 -31.21
CA ALA B 341 -11.16 -1.31 -29.77
C ALA B 341 -9.92 -0.67 -29.14
N PHE B 342 -8.74 -0.91 -29.72
CA PHE B 342 -7.51 -0.15 -29.35
C PHE B 342 -7.15 0.94 -30.32
N GLY B 343 -8.05 1.24 -31.26
CA GLY B 343 -7.81 2.22 -32.31
C GLY B 343 -6.95 1.70 -33.45
N HIS B 344 -6.37 2.64 -34.19
CA HIS B 344 -5.61 2.37 -35.41
C HIS B 344 -4.78 3.59 -35.78
N GLY B 345 -3.58 3.41 -36.26
CA GLY B 345 -2.77 4.56 -36.63
C GLY B 345 -2.05 5.20 -35.44
N ALA B 346 -1.85 6.51 -35.50
CA ALA B 346 -0.90 7.21 -34.64
C ALA B 346 -1.22 7.10 -33.13
N HIS B 347 -2.51 7.05 -32.81
CA HIS B 347 -3.00 7.08 -31.44
C HIS B 347 -3.25 5.71 -30.89
N TYR B 348 -2.94 4.67 -31.67
CA TYR B 348 -3.13 3.30 -31.22
C TYR B 348 -2.73 3.06 -29.75
N CYS B 349 -3.63 2.45 -28.99
CA CYS B 349 -3.45 2.29 -27.55
C CYS B 349 -1.98 1.96 -27.17
N LEU B 350 -1.38 2.84 -26.39
CA LEU B 350 0.01 2.68 -25.98
C LEU B 350 0.18 1.53 -25.01
N GLY B 351 -0.92 1.17 -24.35
CA GLY B 351 -0.92 0.05 -23.44
C GLY B 351 -1.50 -1.27 -23.93
N ALA B 352 -1.63 -1.48 -25.25
CA ALA B 352 -2.48 -2.58 -25.76
C ALA B 352 -1.96 -3.93 -25.33
N GLN B 353 -0.65 -4.10 -25.37
CA GLN B 353 -0.04 -5.35 -24.92
C GLN B 353 -0.36 -5.66 -23.45
N LEU B 354 -0.20 -4.66 -22.60
CA LEU B 354 -0.50 -4.81 -21.17
C LEU B 354 -2.00 -5.05 -20.92
N ALA B 355 -2.84 -4.34 -21.64
CA ALA B 355 -4.32 -4.53 -21.55
C ALA B 355 -4.70 -5.96 -21.90
N ARG B 356 -4.16 -6.45 -23.01
CA ARG B 356 -4.42 -7.81 -23.39
C ARG B 356 -3.95 -8.79 -22.33
N MET B 357 -2.77 -8.57 -21.78
CA MET B 357 -2.27 -9.43 -20.70
C MET B 357 -3.22 -9.40 -19.51
N GLU B 358 -3.63 -8.21 -19.15
CA GLU B 358 -4.58 -8.06 -18.02
C GLU B 358 -5.90 -8.81 -18.24
N LEU B 359 -6.48 -8.69 -19.43
CA LEU B 359 -7.72 -9.32 -19.73
C LEU B 359 -7.56 -10.86 -19.80
N ARG B 360 -6.45 -11.36 -20.34
CA ARG B 360 -6.21 -12.81 -20.31
C ARG B 360 -5.98 -13.38 -18.92
N VAL B 361 -5.20 -12.66 -18.13
CA VAL B 361 -4.95 -13.09 -16.75
C VAL B 361 -6.25 -13.16 -15.94
N ALA B 362 -7.06 -12.13 -16.04
CA ALA B 362 -8.27 -12.03 -15.26
C ALA B 362 -9.32 -13.05 -15.70
N ILE B 363 -9.58 -13.12 -17.01
CA ILE B 363 -10.60 -14.03 -17.51
C ILE B 363 -10.15 -15.46 -17.32
N GLY B 364 -8.89 -15.74 -17.68
CA GLY B 364 -8.31 -17.09 -17.51
C GLY B 364 -8.30 -17.48 -16.03
N GLY B 365 -7.90 -16.56 -15.16
CA GLY B 365 -7.88 -16.82 -13.68
C GLY B 365 -9.24 -17.12 -13.09
N LEU B 366 -10.23 -16.33 -13.52
CA LEU B 366 -11.64 -16.49 -13.09
C LEU B 366 -12.21 -17.85 -13.49
N LEU B 367 -12.10 -18.21 -14.77
CA LEU B 367 -12.56 -19.54 -15.25
C LEU B 367 -11.85 -20.72 -14.63
N GLU B 368 -10.55 -20.64 -14.39
CA GLU B 368 -9.85 -21.76 -13.76
C GLU B 368 -10.24 -21.91 -12.29
N ARG B 369 -10.40 -20.82 -11.57
CA ARG B 369 -10.74 -20.91 -10.12
C ARG B 369 -12.17 -21.37 -9.90
N PHE B 370 -13.09 -20.99 -10.79
CA PHE B 370 -14.52 -21.17 -10.57
C PHE B 370 -15.21 -21.86 -11.76
N PRO B 371 -15.12 -23.20 -11.82
CA PRO B 371 -15.82 -23.95 -12.88
C PRO B 371 -17.34 -23.69 -12.93
N GLY B 372 -17.92 -23.50 -11.74
CA GLY B 372 -19.33 -23.17 -11.60
C GLY B 372 -19.68 -21.70 -11.69
N LEU B 373 -18.76 -20.85 -12.15
CA LEU B 373 -19.02 -19.41 -12.20
C LEU B 373 -20.36 -19.07 -12.89
N ARG B 374 -21.14 -18.19 -12.26
CA ARG B 374 -22.41 -17.75 -12.89
C ARG B 374 -22.78 -16.41 -12.29
N LEU B 375 -23.68 -15.69 -12.96
CA LEU B 375 -24.32 -14.55 -12.30
C LEU B 375 -25.01 -15.04 -11.05
N ALA B 376 -24.92 -14.28 -9.98
CA ALA B 376 -25.56 -14.66 -8.72
C ALA B 376 -27.07 -14.31 -8.73
N VAL B 377 -27.51 -13.47 -9.67
CA VAL B 377 -28.92 -13.09 -9.85
C VAL B 377 -29.25 -13.14 -11.35
N PRO B 378 -30.53 -13.28 -11.71
CA PRO B 378 -30.86 -13.20 -13.14
C PRO B 378 -30.33 -11.89 -13.72
N ALA B 379 -30.08 -11.88 -15.02
CA ALA B 379 -29.63 -10.70 -15.73
C ALA B 379 -30.53 -9.49 -15.61
N ASP B 380 -31.83 -9.70 -15.54
CA ASP B 380 -32.77 -8.58 -15.42
C ASP B 380 -32.70 -7.91 -14.02
N GLN B 381 -31.87 -8.45 -13.12
CA GLN B 381 -31.63 -7.83 -11.81
C GLN B 381 -30.32 -7.08 -11.71
N VAL B 382 -29.55 -7.01 -12.79
CA VAL B 382 -28.35 -6.23 -12.81
C VAL B 382 -28.72 -4.79 -13.09
N GLU B 383 -28.32 -3.85 -12.20
CA GLU B 383 -28.51 -2.42 -12.43
CA GLU B 383 -28.52 -2.44 -12.46
C GLU B 383 -27.32 -1.87 -13.20
N TRP B 384 -27.60 -1.12 -14.27
CA TRP B 384 -26.58 -0.56 -15.13
C TRP B 384 -26.43 0.90 -14.86
N LYS B 385 -25.20 1.42 -14.98
CA LYS B 385 -24.94 2.86 -14.85
C LYS B 385 -25.75 3.61 -15.89
N THR B 386 -26.13 4.86 -15.60
CA THR B 386 -26.91 5.68 -16.54
C THR B 386 -26.20 6.96 -17.04
N GLY B 387 -25.36 7.57 -16.21
CA GLY B 387 -24.58 8.73 -16.63
C GLY B 387 -23.14 8.34 -16.87
N GLY B 388 -22.32 9.33 -17.19
CA GLY B 388 -20.88 9.18 -17.29
C GLY B 388 -20.44 8.59 -18.61
N LEU B 389 -19.13 8.51 -18.77
CA LEU B 389 -18.49 8.10 -20.00
C LEU B 389 -18.62 6.61 -20.33
N PHE B 390 -18.88 5.77 -19.32
CA PHE B 390 -18.81 4.33 -19.49
C PHE B 390 -20.09 3.64 -19.26
N ARG B 391 -20.34 2.63 -20.08
CA ARG B 391 -21.28 1.61 -19.72
C ARG B 391 -20.65 0.67 -18.74
N GLY B 392 -21.48 0.18 -17.83
CA GLY B 392 -21.09 -0.88 -16.95
C GLY B 392 -22.11 -1.13 -15.85
N PRO B 393 -22.05 -2.32 -15.25
CA PRO B 393 -22.95 -2.66 -14.16
C PRO B 393 -22.59 -1.86 -12.95
N GLN B 394 -23.59 -1.45 -12.19
CA GLN B 394 -23.31 -0.80 -10.90
C GLN B 394 -22.60 -1.78 -9.97
N ARG B 395 -23.10 -3.01 -9.98
CA ARG B 395 -22.53 -4.11 -9.25
C ARG B 395 -22.79 -5.31 -10.15
N LEU B 396 -21.87 -6.26 -10.16
CA LEU B 396 -22.00 -7.47 -10.96
C LEU B 396 -21.75 -8.66 -10.06
N PRO B 397 -22.82 -9.18 -9.43
CA PRO B 397 -22.61 -10.27 -8.49
C PRO B 397 -22.46 -11.61 -9.19
N ILE B 398 -21.50 -12.40 -8.69
CA ILE B 398 -21.25 -13.71 -9.18
C ILE B 398 -21.32 -14.69 -8.06
N ALA B 399 -21.59 -15.94 -8.43
CA ALA B 399 -21.50 -17.06 -7.51
C ALA B 399 -20.75 -18.17 -8.26
N TRP B 400 -20.43 -19.25 -7.57
CA TRP B 400 -19.64 -20.33 -8.16
C TRP B 400 -19.84 -21.62 -7.39
CHA HEM C . 7.40 -4.77 28.02
CHB HEM C . 7.54 -1.66 24.38
CHC HEM C . 10.79 0.96 26.83
CHD HEM C . 10.54 -2.07 30.56
C1A HEM C . 7.15 -4.13 26.84
C2A HEM C . 6.29 -4.60 25.82
C3A HEM C . 6.33 -3.73 24.79
C4A HEM C . 7.21 -2.71 25.19
CMA HEM C . 5.56 -3.84 23.47
CAA HEM C . 5.50 -5.89 25.81
CBA HEM C . 4.03 -5.69 26.03
CGA HEM C . 3.43 -7.11 25.95
O1A HEM C . 2.24 -7.32 26.16
O2A HEM C . 4.13 -8.12 25.69
C1B HEM C . 8.48 -0.70 24.68
C2B HEM C . 8.81 0.38 23.81
C3B HEM C . 9.75 1.13 24.51
C4B HEM C . 9.93 0.48 25.82
CMB HEM C . 8.29 0.65 22.38
CAB HEM C . 10.51 2.37 24.19
CBB HEM C . 10.34 3.17 23.18
C1C HEM C . 11.00 0.41 28.07
C2C HEM C . 11.77 1.00 29.12
C3C HEM C . 11.72 0.12 30.19
C4C HEM C . 10.88 -0.99 29.79
CMC HEM C . 12.49 2.32 29.04
CAC HEM C . 12.32 0.26 31.55
CBC HEM C . 13.01 1.30 32.02
C1D HEM C . 9.66 -3.04 30.10
C2D HEM C . 9.41 -4.24 30.92
C3D HEM C . 8.53 -4.97 30.24
C4D HEM C . 8.28 -4.25 28.98
CMD HEM C . 9.97 -4.56 32.31
CAD HEM C . 7.97 -6.31 30.68
CBD HEM C . 6.63 -6.16 31.43
CGD HEM C . 5.91 -7.51 31.55
O1D HEM C . 5.04 -7.66 32.45
O2D HEM C . 6.18 -8.48 30.83
NA HEM C . 7.67 -2.95 26.45
NB HEM C . 9.11 -0.56 25.85
NC HEM C . 10.43 -0.74 28.51
ND HEM C . 8.92 -3.05 28.95
FE HEM C . 8.99 -1.85 27.48
CHA HEM D . -5.26 5.11 -26.18
CHB HEM D . -8.43 1.53 -25.66
CHC HEM D . -5.96 -0.20 -21.83
CHD HEM D . -2.86 3.44 -22.34
C1A HEM D . -6.33 4.24 -26.38
C2A HEM D . -7.35 4.44 -27.35
C3A HEM D . -8.23 3.44 -27.20
C4A HEM D . -7.75 2.62 -26.14
CMA HEM D . -9.53 3.22 -28.03
CAA HEM D . -7.48 5.57 -28.36
CBA HEM D . -7.09 5.06 -29.77
CGA HEM D . -7.20 6.13 -30.86
O1A HEM D . -6.63 5.96 -31.98
O2A HEM D . -7.85 7.18 -30.69
C1B HEM D . -8.07 0.77 -24.55
C2B HEM D . -8.81 -0.38 -24.13
C3B HEM D . -8.12 -0.88 -23.01
C4B HEM D . -6.93 -0.01 -22.84
CMB HEM D . -10.13 -0.87 -24.73
CAB HEM D . -8.34 -2.02 -22.11
CBB HEM D . -9.31 -2.89 -22.24
C1C HEM D . -4.87 0.63 -21.62
C2C HEM D . -3.85 0.41 -20.68
C3C HEM D . -2.98 1.49 -20.81
C4C HEM D . -3.46 2.31 -21.89
CMC HEM D . -3.74 -0.73 -19.69
CAC HEM D . -1.73 1.77 -20.08
CBC HEM D . -1.19 1.06 -19.10
C1D HEM D . -3.32 4.20 -23.41
C2D HEM D . -2.62 5.45 -23.77
C3D HEM D . -3.28 5.90 -24.86
C4D HEM D . -4.39 4.94 -25.10
CMD HEM D . -1.39 6.09 -23.11
CAD HEM D . -2.98 7.17 -25.64
CBD HEM D . -2.29 6.86 -26.99
CGD HEM D . -2.18 8.08 -27.89
O1D HEM D . -1.22 8.25 -28.70
O2D HEM D . -3.04 8.95 -27.89
NA HEM D . -6.57 3.10 -25.66
NB HEM D . -6.96 0.89 -23.81
NC HEM D . -4.59 1.73 -22.38
ND HEM D . -4.32 3.87 -24.28
FE HEM D . -5.57 2.41 -24.08
C1 PGE E . -13.69 -11.87 -43.22
O1 PGE E . -13.74 -13.28 -43.44
C2 PGE E . -15.09 -11.29 -43.04
O2 PGE E . -15.39 -10.44 -44.14
C3 PGE E . -16.76 -10.09 -44.30
C4 PGE E . -16.99 -9.38 -45.62
O4 PGE E . -19.52 -12.32 -48.42
C6 PGE E . -18.29 -11.58 -48.38
C5 PGE E . -18.33 -10.55 -47.24
O3 PGE E . -17.02 -10.31 -46.71
#